data_4J15
#
_entry.id   4J15
#
_cell.length_a   54.885
_cell.length_b   141.921
_cell.length_c   68.495
_cell.angle_alpha   90.00
_cell.angle_beta   102.19
_cell.angle_gamma   90.00
#
_symmetry.space_group_name_H-M   'P 1 21 1'
#
loop_
_entity.id
_entity.type
_entity.pdbx_description
1 polymer 'Aspartate--tRNA ligase, cytoplasmic'
2 non-polymer GLYCEROL
3 water water
#
_entity_poly.entity_id   1
_entity_poly.type   'polypeptide(L)'
_entity_poly.pdbx_seq_one_letter_code
;MGSSHHHHHHSSGLVPRGSHMPSASASRKSQEKPREIMDAAEDYAKERYGISSMIQSQEKPDRVLVRVRDLTIQKADEVV
WVRARVHTSRAKGKQCFLVLRQQQFNVQALVAVGDHASKQMVKFAANINKESIVDVEGVVRKVNQKIGSCTQQDVELHVQ
KIYVISLAEPRLPLQLDDAVRPEAEGEEEGRATVNQDTRLDNRVIDLRTSTSQAVFRLQSGICHLFRETLINKGFVEIQT
PKIISAASEGGANVFTVSYFKNNAYLAQSPQLYKQMCICADFEKVFSIGPVFRAEDSNTHRHLTEFVGLDIEMAFNYHYH
EVMEEIADTMVQIFKGLQERFQTEIQTVNKQFPCEPFKFLEPTLRLEYCEALAMLREAGVEMGDEDDLSTPNEKLLGHLV
KEKYDTDFYILDKYPLAVRPFYTMPDPRNPKQSNSYDMFMRGEEILSGAQRIHDPQLLTERALHHGIDLEKIKAYIDSFR
FGAPPHAGGGIGLERVTMLFLGLHNVRQTSMFPRDPKRLTP
;
_entity_poly.pdbx_strand_id   A,B
#
# COMPACT_ATOMS: atom_id res chain seq x y z
N ALA A 41 -23.26 -51.26 0.08
CA ALA A 41 -24.03 -51.58 1.27
C ALA A 41 -23.09 -51.86 2.38
N GLU A 42 -22.34 -52.93 2.20
CA GLU A 42 -21.37 -53.37 3.18
C GLU A 42 -20.20 -52.42 3.50
N ASP A 43 -19.69 -51.69 2.53
CA ASP A 43 -18.35 -51.14 2.53
C ASP A 43 -17.89 -50.61 3.86
N TYR A 44 -16.80 -51.20 4.32
CA TYR A 44 -16.20 -50.93 5.60
C TYR A 44 -15.55 -49.58 5.79
N ALA A 45 -15.21 -48.89 4.72
CA ALA A 45 -14.52 -47.63 4.77
C ALA A 45 -15.42 -46.46 4.52
N LYS A 46 -16.70 -46.70 4.58
CA LYS A 46 -17.74 -45.70 4.30
C LYS A 46 -17.58 -44.35 5.03
N GLU A 47 -17.12 -44.39 6.28
CA GLU A 47 -17.02 -43.18 7.07
C GLU A 47 -15.76 -42.40 6.71
N ARG A 48 -14.88 -43.04 5.95
CA ARG A 48 -13.56 -42.50 5.67
C ARG A 48 -13.50 -41.70 4.39
N TYR A 49 -14.61 -41.59 3.65
CA TYR A 49 -14.61 -40.88 2.38
C TYR A 49 -16.01 -40.39 1.98
N GLY A 50 -15.92 -39.67 0.88
CA GLY A 50 -17.01 -39.11 0.14
C GLY A 50 -16.92 -37.64 -0.04
N ILE A 51 -17.98 -37.09 -0.52
CA ILE A 51 -18.23 -35.69 -0.63
C ILE A 51 -18.77 -35.30 0.72
N SER A 52 -18.30 -34.26 1.36
CA SER A 52 -18.82 -33.89 2.66
C SER A 52 -19.91 -32.82 2.56
N SER A 53 -20.73 -32.54 3.64
CA SER A 53 -21.64 -31.37 3.72
C SER A 53 -20.91 -30.07 3.41
N MET A 54 -21.58 -29.16 2.69
CA MET A 54 -21.04 -27.83 2.46
C MET A 54 -20.50 -27.23 3.75
N ILE A 55 -19.33 -26.60 3.69
CA ILE A 55 -18.80 -25.99 4.92
C ILE A 55 -19.51 -24.68 5.23
N GLN A 56 -20.27 -24.71 6.32
CA GLN A 56 -21.06 -23.57 6.76
C GLN A 56 -20.64 -23.13 8.18
N SER A 57 -19.45 -23.49 8.63
CA SER A 57 -19.02 -23.17 9.99
C SER A 57 -20.00 -23.63 11.08
N GLN A 58 -20.43 -24.90 11.01
CA GLN A 58 -21.26 -25.51 12.06
C GLN A 58 -20.36 -26.05 13.17
N GLU A 59 -19.10 -26.30 12.80
CA GLU A 59 -18.15 -26.87 13.74
C GLU A 59 -16.77 -26.22 13.67
N LYS A 60 -16.01 -26.42 14.75
CA LYS A 60 -14.62 -26.04 14.80
C LYS A 60 -13.85 -27.30 15.17
N PRO A 61 -13.47 -28.11 14.17
CA PRO A 61 -12.76 -29.32 14.53
C PRO A 61 -11.44 -29.07 15.27
N ASP A 62 -11.09 -30.01 16.13
CA ASP A 62 -9.77 -30.05 16.75
C ASP A 62 -8.90 -30.82 15.75
N ARG A 63 -8.17 -30.07 14.93
CA ARG A 63 -7.53 -30.61 13.74
C ARG A 63 -6.60 -29.58 13.17
N VAL A 64 -5.43 -30.03 12.74
CA VAL A 64 -4.40 -29.18 12.20
C VAL A 64 -4.21 -29.55 10.73
N LEU A 65 -4.36 -28.58 9.84
CA LEU A 65 -4.17 -28.81 8.41
C LEU A 65 -2.77 -28.40 7.99
N VAL A 66 -1.97 -29.35 7.52
CA VAL A 66 -0.58 -29.05 7.15
C VAL A 66 -0.47 -28.62 5.69
N ARG A 67 0.46 -27.70 5.44
CA ARG A 67 0.66 -27.19 4.08
C ARG A 67 1.40 -28.21 3.26
N VAL A 68 1.00 -28.41 2.00
CA VAL A 68 1.72 -29.30 1.11
C VAL A 68 3.24 -29.04 1.18
N ARG A 69 3.64 -27.77 1.11
CA ARG A 69 5.04 -27.39 1.11
C ARG A 69 5.80 -27.84 2.36
N ASP A 70 5.08 -28.26 3.40
CA ASP A 70 5.74 -28.80 4.60
C ASP A 70 5.74 -30.32 4.66
N LEU A 71 5.26 -30.96 3.60
CA LEU A 71 5.39 -32.40 3.46
C LEU A 71 6.80 -32.74 3.01
N THR A 72 7.68 -32.95 3.98
CA THR A 72 9.05 -33.26 3.72
C THR A 72 9.37 -34.52 4.51
N ILE A 73 10.63 -34.92 4.44
CA ILE A 73 11.15 -36.09 5.13
C ILE A 73 11.11 -35.95 6.66
N GLN A 74 11.08 -34.71 7.15
CA GLN A 74 10.96 -34.43 8.58
C GLN A 74 9.66 -34.96 9.18
N LYS A 75 8.62 -35.06 8.34
CA LYS A 75 7.30 -35.55 8.78
C LYS A 75 7.06 -37.03 8.52
N ALA A 76 8.07 -37.72 8.00
CA ALA A 76 8.01 -39.16 7.76
C ALA A 76 7.34 -39.92 8.89
N ASP A 77 6.36 -40.77 8.53
CA ASP A 77 5.62 -41.60 9.49
C ASP A 77 4.65 -40.84 10.39
N GLU A 78 4.41 -39.57 10.09
CA GLU A 78 3.38 -38.84 10.82
C GLU A 78 2.05 -38.86 10.10
N VAL A 79 0.97 -38.89 10.87
CA VAL A 79 -0.37 -38.74 10.34
C VAL A 79 -0.64 -37.25 10.30
N VAL A 80 -1.14 -36.78 9.15
CA VAL A 80 -1.44 -35.37 8.96
C VAL A 80 -2.78 -35.19 8.24
N TRP A 81 -3.36 -34.00 8.38
CA TRP A 81 -4.47 -33.60 7.54
C TRP A 81 -3.98 -32.56 6.55
N VAL A 82 -4.37 -32.70 5.29
CA VAL A 82 -3.99 -31.77 4.23
C VAL A 82 -5.25 -31.36 3.48
N ARG A 83 -5.41 -30.06 3.23
CA ARG A 83 -6.38 -29.59 2.25
C ARG A 83 -5.65 -29.16 1.01
N ALA A 84 -6.07 -29.69 -0.14
CA ALA A 84 -5.46 -29.40 -1.42
C ALA A 84 -6.43 -29.60 -2.58
N ARG A 85 -6.03 -29.14 -3.75
CA ARG A 85 -6.75 -29.37 -5.00
C ARG A 85 -6.33 -30.70 -5.61
N VAL A 86 -7.26 -31.43 -6.20
CA VAL A 86 -6.90 -32.62 -6.97
C VAL A 86 -6.37 -32.18 -8.32
N HIS A 87 -5.06 -32.15 -8.45
CA HIS A 87 -4.45 -31.68 -9.68
C HIS A 87 -4.66 -32.68 -10.81
N THR A 88 -4.36 -33.93 -10.53
CA THR A 88 -4.64 -35.02 -11.44
C THR A 88 -4.70 -36.31 -10.66
N SER A 89 -5.14 -37.36 -11.34
CA SER A 89 -5.43 -38.65 -10.73
C SER A 89 -5.32 -39.77 -11.76
N ARG A 90 -4.83 -40.92 -11.32
CA ARG A 90 -4.74 -42.12 -12.15
C ARG A 90 -5.04 -43.35 -11.30
N ALA A 91 -5.63 -44.37 -11.87
CA ALA A 91 -5.88 -45.56 -11.13
C ALA A 91 -5.66 -46.85 -11.87
N LYS A 92 -5.12 -47.83 -11.17
CA LYS A 92 -4.93 -49.17 -11.67
C LYS A 92 -5.03 -50.18 -10.56
N GLY A 93 -5.70 -51.29 -10.81
CA GLY A 93 -5.76 -52.32 -9.83
C GLY A 93 -6.38 -51.87 -8.55
N LYS A 94 -5.68 -52.04 -7.45
CA LYS A 94 -6.23 -51.62 -6.18
C LYS A 94 -5.72 -50.29 -5.79
N GLN A 95 -5.21 -49.53 -6.74
CA GLN A 95 -4.54 -48.27 -6.43
C GLN A 95 -5.05 -47.03 -7.18
N CYS A 96 -5.06 -45.90 -6.47
CA CYS A 96 -5.26 -44.58 -7.07
C CYS A 96 -4.11 -43.69 -6.70
N PHE A 97 -3.46 -43.11 -7.70
CA PHE A 97 -2.47 -42.07 -7.47
C PHE A 97 -3.06 -40.70 -7.74
N LEU A 98 -2.84 -39.79 -6.82
CA LEU A 98 -3.28 -38.42 -6.99
C LEU A 98 -2.16 -37.44 -6.85
N VAL A 99 -2.21 -36.35 -7.56
CA VAL A 99 -1.34 -35.24 -7.32
C VAL A 99 -2.12 -34.19 -6.56
N LEU A 100 -1.65 -33.84 -5.38
CA LEU A 100 -2.36 -32.85 -4.59
C LEU A 100 -1.61 -31.53 -4.62
N ARG A 101 -2.28 -30.50 -5.03
CA ARG A 101 -1.65 -29.24 -5.23
C ARG A 101 -2.15 -28.13 -4.30
N GLN A 102 -1.20 -27.43 -3.70
CA GLN A 102 -1.43 -26.24 -2.94
C GLN A 102 -0.59 -25.11 -3.52
N GLN A 103 -1.18 -24.28 -4.33
CA GLN A 103 -0.41 -23.25 -5.00
C GLN A 103 0.74 -23.81 -5.83
N GLN A 104 1.91 -23.30 -5.49
CA GLN A 104 3.18 -23.61 -6.11
C GLN A 104 3.66 -25.01 -5.84
N PHE A 105 3.12 -25.61 -4.80
CA PHE A 105 3.54 -26.92 -4.34
C PHE A 105 2.59 -28.05 -4.59
N ASN A 106 3.13 -29.22 -4.76
CA ASN A 106 2.35 -30.41 -5.03
C ASN A 106 3.04 -31.68 -4.55
N VAL A 107 2.22 -32.71 -4.29
CA VAL A 107 2.67 -33.92 -3.64
C VAL A 107 1.88 -35.12 -4.20
N GLN A 108 2.45 -36.29 -4.11
CA GLN A 108 1.81 -37.50 -4.52
C GLN A 108 1.01 -38.14 -3.40
N ALA A 109 -0.20 -38.56 -3.68
CA ALA A 109 -1.01 -39.30 -2.74
C ALA A 109 -1.44 -40.63 -3.29
N LEU A 110 -1.36 -41.64 -2.47
CA LEU A 110 -1.79 -42.93 -2.90
C LEU A 110 -2.92 -43.46 -2.09
N VAL A 111 -4.00 -43.84 -2.75
CA VAL A 111 -5.10 -44.48 -2.08
C VAL A 111 -5.00 -45.95 -2.46
N ALA A 112 -4.86 -46.81 -1.48
CA ALA A 112 -4.64 -48.24 -1.75
C ALA A 112 -5.44 -49.16 -0.81
N VAL A 113 -6.07 -50.18 -1.38
CA VAL A 113 -6.87 -51.14 -0.63
C VAL A 113 -6.08 -51.78 0.51
N GLY A 114 -6.64 -51.71 1.71
CA GLY A 114 -6.03 -52.29 2.90
C GLY A 114 -6.84 -51.96 4.14
N ASP A 115 -6.11 -51.74 5.24
CA ASP A 115 -6.69 -51.41 6.55
C ASP A 115 -7.64 -50.22 6.51
N HIS A 116 -7.32 -49.23 5.68
CA HIS A 116 -8.10 -48.01 5.61
C HIS A 116 -9.08 -47.97 4.44
N ALA A 117 -8.57 -47.97 3.21
CA ALA A 117 -9.43 -47.82 2.04
C ALA A 117 -10.01 -49.15 1.56
N SER A 118 -11.31 -49.17 1.29
CA SER A 118 -11.91 -50.26 0.53
C SER A 118 -11.67 -49.98 -0.94
N LYS A 119 -11.97 -50.95 -1.78
CA LYS A 119 -11.99 -50.73 -3.23
C LYS A 119 -13.04 -49.66 -3.63
N GLN A 120 -14.10 -49.54 -2.83
CA GLN A 120 -15.09 -48.48 -3.04
C GLN A 120 -14.46 -47.08 -2.84
N MET A 121 -13.58 -46.97 -1.85
CA MET A 121 -12.93 -45.71 -1.52
C MET A 121 -11.90 -45.36 -2.59
N VAL A 122 -11.13 -46.35 -3.02
CA VAL A 122 -10.16 -46.21 -4.12
C VAL A 122 -10.84 -45.65 -5.36
N LYS A 123 -11.97 -46.25 -5.71
CA LYS A 123 -12.75 -45.89 -6.89
C LYS A 123 -13.32 -44.48 -6.79
N PHE A 124 -13.80 -44.13 -5.59
CA PHE A 124 -14.28 -42.78 -5.32
C PHE A 124 -13.17 -41.79 -5.59
N ALA A 125 -11.98 -42.09 -5.05
CA ALA A 125 -10.85 -41.21 -5.20
C ALA A 125 -10.50 -41.04 -6.67
N ALA A 126 -10.45 -42.15 -7.40
CA ALA A 126 -10.07 -42.15 -8.83
C ALA A 126 -11.01 -41.32 -9.68
N ASN A 127 -12.22 -41.08 -9.19
CA ASN A 127 -13.24 -40.37 -9.94
C ASN A 127 -13.50 -38.92 -9.55
N ILE A 128 -12.79 -38.43 -8.55
CA ILE A 128 -12.94 -37.04 -8.12
C ILE A 128 -12.53 -36.09 -9.26
N ASN A 129 -13.44 -35.23 -9.68
CA ASN A 129 -13.13 -34.27 -10.76
C ASN A 129 -11.92 -33.42 -10.40
N LYS A 130 -11.02 -33.25 -11.37
CA LYS A 130 -9.87 -32.36 -11.25
C LYS A 130 -10.29 -30.98 -10.74
N GLU A 131 -9.43 -30.41 -9.90
CA GLU A 131 -9.61 -29.07 -9.33
C GLU A 131 -10.59 -29.08 -8.14
N SER A 132 -11.10 -30.25 -7.79
CA SER A 132 -11.89 -30.37 -6.58
C SER A 132 -10.97 -30.13 -5.41
N ILE A 133 -11.52 -29.58 -4.32
CA ILE A 133 -10.71 -29.44 -3.12
C ILE A 133 -11.05 -30.58 -2.17
N VAL A 134 -10.04 -31.25 -1.66
CA VAL A 134 -10.26 -32.37 -0.77
C VAL A 134 -9.58 -32.13 0.58
N ASP A 135 -10.11 -32.74 1.64
CA ASP A 135 -9.38 -32.84 2.90
C ASP A 135 -8.92 -34.28 3.01
N VAL A 136 -7.63 -34.46 3.21
CA VAL A 136 -7.05 -35.79 3.23
C VAL A 136 -6.39 -36.02 4.57
N GLU A 137 -6.66 -37.18 5.16
CA GLU A 137 -5.86 -37.65 6.28
C GLU A 137 -5.02 -38.80 5.77
N GLY A 138 -3.71 -38.73 5.99
CA GLY A 138 -2.80 -39.80 5.57
C GLY A 138 -1.49 -39.82 6.33
N VAL A 139 -0.77 -40.94 6.23
CA VAL A 139 0.58 -41.02 6.76
C VAL A 139 1.53 -40.59 5.67
N VAL A 140 2.55 -39.85 6.09
CA VAL A 140 3.66 -39.41 5.27
C VAL A 140 4.68 -40.54 5.24
N ARG A 141 4.99 -41.04 4.05
CA ARG A 141 5.94 -42.13 3.91
C ARG A 141 7.11 -41.71 3.05
N LYS A 142 8.31 -42.02 3.51
CA LYS A 142 9.52 -41.86 2.69
C LYS A 142 9.40 -42.72 1.44
N VAL A 143 9.86 -42.19 0.31
CA VAL A 143 9.93 -42.99 -0.92
C VAL A 143 11.37 -43.35 -1.26
N ASN A 144 11.56 -44.54 -1.82
CA ASN A 144 12.91 -45.01 -2.16
C ASN A 144 13.59 -44.17 -3.23
N GLN A 145 12.83 -43.70 -4.21
CA GLN A 145 13.40 -42.80 -5.20
C GLN A 145 12.55 -41.56 -5.36
N LYS A 146 13.23 -40.41 -5.48
CA LYS A 146 12.59 -39.10 -5.55
C LYS A 146 11.42 -39.03 -6.55
N ILE A 147 10.33 -38.39 -6.13
CA ILE A 147 9.15 -38.20 -6.97
C ILE A 147 9.39 -36.96 -7.81
N GLY A 148 9.88 -37.16 -9.03
CA GLY A 148 10.54 -36.08 -9.78
C GLY A 148 9.63 -34.99 -10.26
N SER A 149 8.38 -35.35 -10.50
CA SER A 149 7.39 -34.44 -11.06
C SER A 149 6.62 -33.64 -10.01
N CYS A 150 7.06 -33.70 -8.75
CA CYS A 150 6.42 -32.96 -7.67
C CYS A 150 7.44 -32.09 -6.94
N THR A 151 6.97 -31.04 -6.28
CA THR A 151 7.84 -30.19 -5.45
C THR A 151 8.22 -30.93 -4.16
N GLN A 152 7.30 -31.72 -3.62
CA GLN A 152 7.61 -32.57 -2.49
C GLN A 152 8.05 -33.93 -2.99
N GLN A 153 9.36 -34.13 -3.07
CA GLN A 153 9.93 -35.26 -3.79
C GLN A 153 10.33 -36.45 -2.93
N ASP A 154 10.48 -36.24 -1.63
CA ASP A 154 11.11 -37.24 -0.77
C ASP A 154 10.09 -38.12 -0.04
N VAL A 155 8.80 -37.79 -0.16
CA VAL A 155 7.75 -38.49 0.59
C VAL A 155 6.49 -38.60 -0.26
N GLU A 156 5.61 -39.54 0.10
CA GLU A 156 4.25 -39.54 -0.45
C GLU A 156 3.24 -39.68 0.69
N LEU A 157 2.00 -39.33 0.38
CA LEU A 157 0.93 -39.43 1.36
C LEU A 157 0.08 -40.68 1.12
N HIS A 158 0.10 -41.57 2.10
CA HIS A 158 -0.71 -42.76 2.05
C HIS A 158 -2.03 -42.48 2.72
N VAL A 159 -3.07 -42.43 1.90
CA VAL A 159 -4.37 -41.92 2.30
C VAL A 159 -5.08 -42.91 3.22
N GLN A 160 -5.59 -42.39 4.34
CA GLN A 160 -6.46 -43.11 5.24
C GLN A 160 -7.89 -42.57 5.16
N LYS A 161 -8.00 -41.27 4.85
CA LYS A 161 -9.28 -40.60 4.73
C LYS A 161 -9.19 -39.54 3.65
N ILE A 162 -10.26 -39.39 2.87
CA ILE A 162 -10.33 -38.36 1.83
C ILE A 162 -11.76 -37.88 1.62
N TYR A 163 -11.99 -36.59 1.81
CA TYR A 163 -13.30 -35.98 1.58
C TYR A 163 -13.22 -34.83 0.58
N VAL A 164 -14.16 -34.79 -0.34
CA VAL A 164 -14.34 -33.66 -1.22
C VAL A 164 -15.07 -32.57 -0.44
N ILE A 165 -14.42 -31.45 -0.25
CA ILE A 165 -15.03 -30.34 0.40
C ILE A 165 -15.53 -29.32 -0.60
N SER A 166 -15.00 -29.32 -1.79
CA SER A 166 -15.58 -28.55 -2.84
C SER A 166 -15.48 -29.31 -4.14
N LEU A 167 -16.60 -29.69 -4.71
CA LEU A 167 -16.57 -30.44 -5.95
C LEU A 167 -16.53 -29.57 -7.20
N ALA A 168 -15.48 -29.69 -7.96
CA ALA A 168 -15.38 -29.00 -9.23
C ALA A 168 -16.29 -29.63 -10.27
N GLU A 169 -16.92 -28.82 -11.10
CA GLU A 169 -17.73 -29.34 -12.19
C GLU A 169 -16.80 -29.98 -13.22
N PRO A 170 -17.26 -30.98 -13.94
CA PRO A 170 -16.38 -31.72 -14.85
C PRO A 170 -15.73 -30.96 -16.01
N ARG A 171 -16.33 -29.92 -16.52
CA ARG A 171 -15.80 -29.31 -17.74
C ARG A 171 -14.62 -28.33 -17.66
N LEU A 172 -13.41 -28.72 -17.28
CA LEU A 172 -12.40 -27.67 -17.17
C LEU A 172 -12.12 -27.04 -18.50
N PRO A 173 -12.33 -25.73 -18.56
CA PRO A 173 -12.04 -24.90 -19.70
C PRO A 173 -10.57 -24.86 -20.02
N LEU A 174 -9.73 -24.95 -19.02
CA LEU A 174 -8.32 -24.90 -19.24
C LEU A 174 -7.63 -25.94 -18.39
N GLN A 175 -6.56 -26.54 -18.90
CA GLN A 175 -5.78 -27.49 -18.13
C GLN A 175 -4.55 -26.79 -17.56
N LEU A 176 -4.26 -26.98 -16.30
CA LEU A 176 -3.16 -26.30 -15.65
C LEU A 176 -1.80 -26.60 -16.23
N ASP A 177 -1.55 -27.84 -16.59
CA ASP A 177 -0.29 -28.22 -17.20
C ASP A 177 -0.06 -27.59 -18.56
N ASP A 178 -1.12 -27.47 -19.32
CA ASP A 178 -1.07 -26.83 -20.62
C ASP A 178 -0.64 -25.38 -20.41
N ALA A 179 -1.35 -24.69 -19.52
CA ALA A 179 -1.11 -23.28 -19.22
C ALA A 179 0.34 -22.93 -18.86
N VAL A 180 1.05 -23.87 -18.22
CA VAL A 180 2.45 -23.64 -17.81
C VAL A 180 3.56 -24.16 -18.72
N ARG A 181 3.22 -24.91 -19.77
CA ARG A 181 4.28 -25.48 -20.63
C ARG A 181 4.90 -24.40 -21.55
N PRO A 182 6.23 -24.39 -21.67
CA PRO A 182 6.95 -23.39 -22.48
C PRO A 182 6.52 -23.36 -23.94
N THR A 193 -1.00 -26.49 -25.99
CA THR A 193 -0.73 -25.04 -25.91
C THR A 193 -2.00 -24.28 -25.46
N VAL A 194 -1.81 -23.08 -24.89
CA VAL A 194 -2.91 -22.30 -24.36
C VAL A 194 -2.91 -20.84 -24.80
N ASN A 195 -3.87 -20.29 -25.52
CA ASN A 195 -3.57 -18.93 -25.96
C ASN A 195 -4.00 -17.83 -25.03
N GLN A 196 -3.59 -16.59 -25.38
CA GLN A 196 -3.89 -15.40 -24.58
C GLN A 196 -5.36 -15.35 -24.32
N ASP A 197 -6.14 -15.96 -25.18
CA ASP A 197 -7.56 -15.76 -25.17
C ASP A 197 -8.34 -16.51 -24.12
N THR A 198 -8.29 -17.81 -24.19
CA THR A 198 -8.76 -18.69 -23.13
C THR A 198 -8.18 -18.33 -21.76
N ARG A 199 -6.93 -17.95 -21.69
CA ARG A 199 -6.42 -17.62 -20.39
C ARG A 199 -7.06 -16.38 -19.77
N LEU A 200 -7.27 -15.41 -20.62
CA LEU A 200 -7.83 -14.15 -20.23
C LEU A 200 -9.30 -14.33 -20.04
N ASP A 201 -9.88 -15.33 -20.69
CA ASP A 201 -11.29 -15.60 -20.47
C ASP A 201 -11.50 -16.36 -19.18
N ASN A 202 -10.56 -17.20 -18.80
CA ASN A 202 -10.71 -18.01 -17.64
C ASN A 202 -9.69 -17.67 -16.53
N ARG A 203 -9.85 -16.48 -15.93
CA ARG A 203 -8.84 -15.92 -15.08
C ARG A 203 -8.68 -16.73 -13.84
N VAL A 204 -9.78 -17.19 -13.26
CA VAL A 204 -9.76 -17.95 -12.02
C VAL A 204 -8.96 -19.21 -12.19
N ILE A 205 -9.08 -19.85 -13.34
CA ILE A 205 -8.26 -21.04 -13.64
C ILE A 205 -6.79 -20.70 -13.91
N ASP A 206 -6.53 -19.75 -14.81
CA ASP A 206 -5.19 -19.38 -15.14
C ASP A 206 -4.39 -18.86 -13.95
N LEU A 207 -5.02 -18.12 -13.07
CA LEU A 207 -4.36 -17.63 -11.89
C LEU A 207 -3.94 -18.73 -10.93
N ARG A 208 -4.50 -19.92 -11.05
CA ARG A 208 -4.08 -21.03 -10.24
C ARG A 208 -2.74 -21.62 -10.60
N THR A 209 -2.22 -21.37 -11.79
CA THR A 209 -1.01 -22.06 -12.25
C THR A 209 0.20 -21.64 -11.42
N SER A 210 1.19 -22.51 -11.34
CA SER A 210 2.40 -22.20 -10.60
C SER A 210 3.05 -20.89 -11.12
N THR A 211 3.09 -20.70 -12.43
CA THR A 211 3.61 -19.46 -12.99
C THR A 211 2.86 -18.22 -12.47
N SER A 212 1.54 -18.23 -12.60
CA SER A 212 0.68 -17.14 -12.16
C SER A 212 0.84 -16.82 -10.67
N GLN A 213 0.80 -17.86 -9.84
CA GLN A 213 1.02 -17.73 -8.42
C GLN A 213 2.36 -17.04 -8.15
N ALA A 214 3.42 -17.52 -8.83
CA ALA A 214 4.76 -16.95 -8.68
C ALA A 214 4.78 -15.46 -9.06
N VAL A 215 4.24 -15.14 -10.24
CA VAL A 215 4.22 -13.77 -10.76
C VAL A 215 3.54 -12.81 -9.78
N PHE A 216 2.37 -13.18 -9.27
CA PHE A 216 1.62 -12.22 -8.48
C PHE A 216 2.01 -12.19 -7.01
N ARG A 217 2.54 -13.31 -6.51
CA ARG A 217 3.14 -13.29 -5.20
C ARG A 217 4.36 -12.40 -5.23
N LEU A 218 5.20 -12.54 -6.26
CA LEU A 218 6.33 -11.64 -6.41
C LEU A 218 5.90 -10.19 -6.61
N GLN A 219 4.83 -9.97 -7.38
CA GLN A 219 4.34 -8.62 -7.60
C GLN A 219 3.95 -7.92 -6.30
N SER A 220 3.27 -8.66 -5.42
CA SER A 220 2.95 -8.16 -4.10
C SER A 220 4.24 -7.92 -3.30
N GLY A 221 5.25 -8.74 -3.53
CA GLY A 221 6.57 -8.54 -2.91
C GLY A 221 7.23 -7.22 -3.30
N ILE A 222 7.01 -6.79 -4.54
CA ILE A 222 7.55 -5.52 -5.05
C ILE A 222 6.91 -4.33 -4.30
N CYS A 223 5.58 -4.34 -4.22
CA CYS A 223 4.85 -3.32 -3.46
C CYS A 223 5.35 -3.24 -2.03
N HIS A 224 5.43 -4.39 -1.38
CA HIS A 224 5.88 -4.46 0.00
C HIS A 224 7.28 -3.85 0.16
N LEU A 225 8.19 -4.23 -0.74
CA LEU A 225 9.59 -3.78 -0.70
C LEU A 225 9.74 -2.28 -0.95
N PHE A 226 9.01 -1.77 -1.94
CA PHE A 226 8.93 -0.36 -2.27
C PHE A 226 8.49 0.46 -1.04
N ARG A 227 7.32 0.10 -0.48
CA ARG A 227 6.80 0.75 0.72
C ARG A 227 7.74 0.70 1.93
N GLU A 228 8.22 -0.47 2.27
CA GLU A 228 9.07 -0.64 3.40
C GLU A 228 10.35 0.16 3.29
N THR A 229 10.97 0.16 2.15
CA THR A 229 12.17 0.90 1.95
C THR A 229 11.90 2.37 2.10
N LEU A 230 10.83 2.85 1.49
CA LEU A 230 10.48 4.23 1.56
C LEU A 230 10.13 4.68 2.96
N ILE A 231 9.40 3.86 3.69
CA ILE A 231 9.04 4.15 5.05
C ILE A 231 10.24 4.24 5.95
N ASN A 232 11.17 3.35 5.79
CA ASN A 232 12.40 3.39 6.58
C ASN A 232 13.32 4.60 6.27
N LYS A 233 13.16 5.17 5.08
CA LYS A 233 13.87 6.40 4.67
C LYS A 233 13.11 7.66 5.13
N GLY A 234 11.99 7.47 5.82
CA GLY A 234 11.23 8.57 6.40
C GLY A 234 9.99 8.99 5.63
N PHE A 235 9.63 8.23 4.60
CA PHE A 235 8.50 8.61 3.77
C PHE A 235 7.14 8.40 4.43
N VAL A 236 6.18 9.19 3.96
CA VAL A 236 4.80 9.17 4.38
C VAL A 236 3.97 8.78 3.16
N GLU A 237 3.12 7.76 3.32
CA GLU A 237 2.21 7.38 2.26
C GLU A 237 1.06 8.34 2.17
N ILE A 238 0.74 8.76 0.96
CA ILE A 238 -0.43 9.60 0.72
C ILE A 238 -1.43 8.89 -0.18
N GLN A 239 -2.66 9.42 -0.18
CA GLN A 239 -3.80 8.78 -0.77
C GLN A 239 -4.45 9.68 -1.83
N THR A 240 -4.00 9.60 -3.05
CA THR A 240 -4.49 10.48 -4.06
C THR A 240 -5.83 10.11 -4.61
N PRO A 241 -6.63 11.10 -4.79
CA PRO A 241 -7.97 10.89 -5.29
C PRO A 241 -7.96 10.63 -6.77
N LYS A 242 -9.02 10.00 -7.26
CA LYS A 242 -9.27 9.77 -8.68
C LYS A 242 -10.72 10.08 -9.12
N ILE A 243 -11.10 11.35 -9.32
CA ILE A 243 -12.49 11.64 -9.65
C ILE A 243 -12.74 12.63 -10.80
N GLN A 268 -4.62 17.13 -12.22
CA GLN A 268 -5.18 16.24 -11.19
C GLN A 268 -4.72 14.79 -11.44
N SER A 269 -3.44 14.63 -11.70
CA SER A 269 -2.82 13.33 -11.86
C SER A 269 -1.83 13.20 -10.74
N PRO A 270 -1.41 12.00 -10.43
CA PRO A 270 -0.90 11.72 -9.10
C PRO A 270 0.06 12.78 -8.69
N GLN A 271 0.81 13.28 -9.65
CA GLN A 271 1.83 14.27 -9.42
C GLN A 271 1.37 15.58 -8.83
N LEU A 272 0.20 16.03 -9.22
CA LEU A 272 -0.27 17.30 -8.72
C LEU A 272 -0.42 17.25 -7.23
N TYR A 273 -0.98 16.18 -6.72
CA TYR A 273 -1.16 15.97 -5.29
C TYR A 273 0.07 15.76 -4.50
N LYS A 274 1.01 15.00 -5.03
CA LYS A 274 2.30 14.82 -4.40
C LYS A 274 2.99 16.19 -4.24
N GLN A 275 2.92 17.02 -5.28
CA GLN A 275 3.57 18.32 -5.23
C GLN A 275 2.86 19.23 -4.24
N MET A 276 1.54 19.16 -4.21
CA MET A 276 0.78 19.84 -3.16
C MET A 276 1.27 19.47 -1.75
N CYS A 277 1.44 18.16 -1.49
CA CYS A 277 1.92 17.67 -0.20
C CYS A 277 3.31 18.17 0.14
N ILE A 278 4.19 18.19 -0.86
CA ILE A 278 5.50 18.81 -0.74
C ILE A 278 5.34 20.29 -0.38
N CYS A 279 4.45 21.01 -1.04
CA CYS A 279 4.25 22.40 -0.68
C CYS A 279 3.60 22.51 0.71
N ALA A 280 3.05 21.41 1.21
CA ALA A 280 2.39 21.39 2.52
C ALA A 280 3.25 20.78 3.62
N ASP A 281 4.53 20.74 3.39
CA ASP A 281 5.50 20.31 4.39
C ASP A 281 5.58 18.84 4.67
N PHE A 282 5.06 18.04 3.78
CA PHE A 282 5.21 16.60 3.91
C PHE A 282 6.60 16.02 3.74
N GLU A 283 7.36 16.59 2.85
CA GLU A 283 8.75 16.30 2.59
C GLU A 283 9.06 15.01 1.82
N LYS A 284 8.62 13.87 2.31
CA LYS A 284 8.83 12.64 1.59
C LYS A 284 7.54 11.88 1.42
N VAL A 285 7.08 11.79 0.20
CA VAL A 285 5.84 11.13 -0.05
C VAL A 285 5.87 10.10 -1.14
N PHE A 286 5.09 9.05 -0.94
CA PHE A 286 4.81 8.08 -1.99
C PHE A 286 3.31 7.75 -2.07
N SER A 287 2.91 7.26 -3.24
CA SER A 287 1.56 6.79 -3.45
C SER A 287 1.56 5.56 -4.34
N ILE A 288 0.54 4.73 -4.18
CA ILE A 288 0.42 3.48 -4.92
C ILE A 288 -1.04 3.38 -5.29
N GLY A 289 -1.34 3.36 -6.58
CA GLY A 289 -2.74 3.42 -6.98
C GLY A 289 -2.95 3.38 -8.47
N PRO A 290 -4.22 3.22 -8.88
CA PRO A 290 -4.57 3.21 -10.29
C PRO A 290 -4.15 4.50 -10.95
N VAL A 291 -3.58 4.38 -12.15
CA VAL A 291 -3.20 5.53 -12.97
C VAL A 291 -3.76 5.31 -14.39
N PHE A 292 -4.23 6.40 -15.02
CA PHE A 292 -5.05 6.35 -16.24
C PHE A 292 -4.46 7.14 -17.41
N LEU A 303 -7.95 4.46 -23.28
CA LEU A 303 -8.20 4.61 -21.83
C LEU A 303 -7.60 3.44 -21.06
N THR A 304 -6.29 3.52 -20.82
CA THR A 304 -5.59 2.46 -20.09
C THR A 304 -5.49 2.75 -18.59
N GLU A 305 -5.61 1.69 -17.79
CA GLU A 305 -5.38 1.75 -16.35
C GLU A 305 -4.19 0.86 -16.02
N PHE A 306 -3.31 1.35 -15.15
CA PHE A 306 -2.22 0.55 -14.61
C PHE A 306 -1.91 0.99 -13.17
N VAL A 307 -0.93 0.38 -12.54
CA VAL A 307 -0.61 0.70 -11.14
C VAL A 307 0.75 1.42 -11.04
N GLY A 308 0.69 2.66 -10.56
CA GLY A 308 1.89 3.49 -10.40
C GLY A 308 2.38 3.53 -8.97
N LEU A 309 3.68 3.35 -8.79
CA LEU A 309 4.31 3.56 -7.51
C LEU A 309 5.14 4.83 -7.62
N ASP A 310 4.67 5.90 -6.96
CA ASP A 310 5.15 7.28 -7.16
C ASP A 310 5.88 7.86 -5.96
N ILE A 311 6.97 8.56 -6.25
CA ILE A 311 7.84 9.17 -5.24
C ILE A 311 8.01 10.66 -5.55
N GLU A 312 7.93 11.47 -4.51
CA GLU A 312 8.19 12.90 -4.59
C GLU A 312 8.87 13.33 -3.31
N MET A 313 9.91 14.15 -3.42
CA MET A 313 10.81 14.38 -2.30
C MET A 313 11.49 15.76 -2.34
N ALA A 314 11.33 16.50 -1.25
CA ALA A 314 12.10 17.74 -1.04
C ALA A 314 13.53 17.36 -0.79
N PHE A 315 14.47 18.17 -1.27
CA PHE A 315 15.88 17.91 -1.02
C PHE A 315 16.59 19.19 -0.54
N ASN A 316 17.83 19.03 -0.09
CA ASN A 316 18.65 20.14 0.41
C ASN A 316 19.14 21.12 -0.68
N TYR A 317 19.99 20.66 -1.60
CA TYR A 317 20.60 21.55 -2.61
C TYR A 317 20.68 20.97 -4.04
N HIS A 318 20.67 19.65 -4.18
CA HIS A 318 20.86 19.03 -5.49
C HIS A 318 19.97 17.80 -5.68
N TYR A 319 19.23 17.81 -6.79
CA TYR A 319 18.26 16.76 -7.16
C TYR A 319 18.83 15.35 -7.18
N HIS A 320 20.14 15.24 -7.34
CA HIS A 320 20.81 13.95 -7.17
C HIS A 320 20.54 13.29 -5.82
N GLU A 321 20.19 14.09 -4.82
CA GLU A 321 19.74 13.58 -3.53
C GLU A 321 18.49 12.73 -3.70
N VAL A 322 17.58 13.17 -4.55
CA VAL A 322 16.34 12.43 -4.78
C VAL A 322 16.61 11.28 -5.75
N MET A 323 17.24 11.60 -6.89
CA MET A 323 17.64 10.63 -7.91
C MET A 323 18.29 9.41 -7.28
N GLU A 324 19.26 9.64 -6.39
CA GLU A 324 19.93 8.56 -5.68
C GLU A 324 18.99 7.78 -4.76
N GLU A 325 18.07 8.48 -4.08
CA GLU A 325 17.15 7.77 -3.20
C GLU A 325 16.27 6.82 -4.00
N ILE A 326 15.76 7.33 -5.12
CA ILE A 326 14.92 6.55 -5.99
C ILE A 326 15.67 5.31 -6.49
N ALA A 327 16.88 5.52 -7.02
CA ALA A 327 17.69 4.43 -7.53
C ALA A 327 17.93 3.41 -6.43
N ASP A 328 18.24 3.90 -5.23
CA ASP A 328 18.55 2.98 -4.13
C ASP A 328 17.32 2.17 -3.75
N THR A 329 16.15 2.79 -3.92
CA THR A 329 14.92 2.10 -3.59
C THR A 329 14.66 0.99 -4.58
N MET A 330 14.89 1.26 -5.87
CA MET A 330 14.84 0.21 -6.88
C MET A 330 15.79 -0.93 -6.55
N VAL A 331 17.01 -0.56 -6.15
CA VAL A 331 18.02 -1.54 -5.77
C VAL A 331 17.59 -2.40 -4.59
N GLN A 332 16.89 -1.81 -3.62
CA GLN A 332 16.45 -2.58 -2.48
C GLN A 332 15.38 -3.56 -2.91
N ILE A 333 14.56 -3.14 -3.87
CA ILE A 333 13.56 -4.03 -4.42
C ILE A 333 14.23 -5.25 -5.09
N PHE A 334 15.18 -5.00 -6.00
CA PHE A 334 15.84 -6.09 -6.71
C PHE A 334 16.55 -7.01 -5.71
N LYS A 335 17.31 -6.44 -4.77
CA LYS A 335 17.94 -7.23 -3.71
C LYS A 335 16.91 -8.11 -3.00
N GLY A 336 15.84 -7.49 -2.48
CA GLY A 336 14.81 -8.18 -1.72
C GLY A 336 14.13 -9.30 -2.49
N LEU A 337 13.87 -9.08 -3.77
CA LEU A 337 13.27 -10.11 -4.62
C LEU A 337 14.16 -11.32 -4.80
N GLN A 338 15.46 -11.06 -4.97
CA GLN A 338 16.41 -12.15 -5.23
C GLN A 338 16.73 -12.89 -3.92
N GLU A 339 16.55 -12.20 -2.79
CA GLU A 339 16.76 -12.81 -1.49
C GLU A 339 15.54 -13.55 -0.97
N ARG A 340 14.35 -12.98 -1.17
CA ARG A 340 13.14 -13.51 -0.56
C ARG A 340 12.19 -14.23 -1.50
N PHE A 341 12.34 -14.03 -2.81
CA PHE A 341 11.41 -14.61 -3.77
C PHE A 341 12.11 -15.49 -4.80
N GLN A 342 13.14 -16.17 -4.38
CA GLN A 342 13.91 -16.98 -5.27
C GLN A 342 13.08 -18.14 -5.85
N THR A 343 12.23 -18.72 -5.04
CA THR A 343 11.39 -19.81 -5.44
C THR A 343 10.46 -19.39 -6.58
N GLU A 344 9.80 -18.26 -6.48
CA GLU A 344 8.97 -17.76 -7.55
C GLU A 344 9.73 -17.32 -8.76
N ILE A 345 10.92 -16.78 -8.58
CA ILE A 345 11.74 -16.41 -9.73
C ILE A 345 12.11 -17.66 -10.53
N GLN A 346 12.53 -18.70 -9.82
CA GLN A 346 12.83 -20.01 -10.45
C GLN A 346 11.60 -20.66 -11.08
N THR A 347 10.42 -20.47 -10.48
CA THR A 347 9.19 -20.99 -11.05
C THR A 347 8.87 -20.33 -12.41
N VAL A 348 8.89 -19.00 -12.47
CA VAL A 348 8.62 -18.29 -13.73
C VAL A 348 9.70 -18.59 -14.77
N ASN A 349 10.95 -18.72 -14.29
CA ASN A 349 12.05 -19.06 -15.17
C ASN A 349 11.79 -20.37 -15.90
N LYS A 350 11.18 -21.36 -15.22
CA LYS A 350 10.86 -22.64 -15.85
C LYS A 350 9.96 -22.47 -17.07
N GLN A 351 9.00 -21.56 -17.02
CA GLN A 351 8.17 -21.34 -18.22
C GLN A 351 8.77 -20.34 -19.23
N PHE A 352 9.34 -19.25 -18.72
CA PHE A 352 9.85 -18.21 -19.58
C PHE A 352 11.29 -17.95 -19.20
N PRO A 353 12.23 -18.65 -19.88
CA PRO A 353 13.64 -18.63 -19.48
C PRO A 353 14.16 -17.20 -19.51
N CYS A 354 14.82 -16.81 -18.43
CA CYS A 354 15.35 -15.45 -18.30
C CYS A 354 16.61 -15.45 -17.44
N GLU A 355 17.64 -14.73 -17.90
CA GLU A 355 18.85 -14.53 -17.11
C GLU A 355 18.50 -13.71 -15.87
N PRO A 356 19.07 -14.07 -14.69
CA PRO A 356 18.85 -13.27 -13.49
C PRO A 356 19.17 -11.80 -13.76
N PHE A 357 18.35 -10.93 -13.16
CA PHE A 357 18.46 -9.49 -13.34
C PHE A 357 19.73 -8.96 -12.69
N LYS A 358 20.46 -8.13 -13.44
CA LYS A 358 21.75 -7.59 -12.97
C LYS A 358 21.67 -6.09 -12.71
N PHE A 359 22.37 -5.64 -11.67
CA PHE A 359 22.38 -4.24 -11.25
C PHE A 359 23.65 -3.97 -10.46
N LEU A 360 24.13 -2.71 -10.51
CA LEU A 360 25.33 -2.34 -9.78
C LEU A 360 24.99 -1.72 -8.42
N GLU A 361 25.99 -1.61 -7.56
CA GLU A 361 25.84 -0.90 -6.30
C GLU A 361 27.01 0.08 -6.13
N PRO A 362 26.77 1.35 -6.24
CA PRO A 362 25.48 1.96 -6.52
C PRO A 362 25.16 1.96 -7.98
N THR A 363 23.99 2.47 -8.30
CA THR A 363 23.48 2.48 -9.61
C THR A 363 24.36 3.22 -10.57
N LEU A 364 24.43 2.71 -11.79
CA LEU A 364 25.12 3.36 -12.84
C LEU A 364 24.40 4.58 -13.29
N ARG A 365 25.10 5.68 -13.38
CA ARG A 365 24.56 6.92 -13.92
C ARG A 365 25.39 7.38 -15.09
N LEU A 366 24.71 7.66 -16.19
CA LEU A 366 25.29 8.18 -17.40
C LEU A 366 24.64 9.48 -17.78
N GLU A 367 25.40 10.39 -18.33
CA GLU A 367 24.85 11.65 -18.82
C GLU A 367 24.38 11.52 -20.26
N TYR A 368 23.45 12.37 -20.66
CA TYR A 368 22.93 12.36 -22.02
C TYR A 368 24.05 12.42 -23.08
N CYS A 369 25.07 13.25 -22.83
CA CYS A 369 26.18 13.41 -23.76
C CYS A 369 26.92 12.09 -24.01
N GLU A 370 27.17 11.34 -22.95
CA GLU A 370 27.81 10.02 -23.05
C GLU A 370 26.96 9.03 -23.81
N ALA A 371 25.64 9.10 -23.63
CA ALA A 371 24.72 8.23 -24.36
C ALA A 371 24.76 8.54 -25.87
N LEU A 372 24.66 9.82 -26.21
CA LEU A 372 24.79 10.29 -27.60
C LEU A 372 26.11 9.82 -28.24
N ALA A 373 27.20 9.91 -27.49
CA ALA A 373 28.49 9.39 -27.98
C ALA A 373 28.43 7.90 -28.28
N MET A 374 27.94 7.10 -27.32
CA MET A 374 27.79 5.64 -27.47
C MET A 374 26.94 5.27 -28.66
N LEU A 375 25.77 5.91 -28.80
CA LEU A 375 24.90 5.61 -29.93
C LEU A 375 25.59 5.93 -31.26
N ARG A 376 26.34 7.02 -31.29
CA ARG A 376 27.00 7.46 -32.53
C ARG A 376 28.11 6.51 -32.95
N GLU A 377 28.89 6.05 -31.99
CA GLU A 377 29.84 4.97 -32.21
C GLU A 377 29.20 3.75 -32.86
N ALA A 378 27.94 3.48 -32.52
CA ALA A 378 27.19 2.37 -33.13
C ALA A 378 26.59 2.74 -34.49
N GLY A 379 26.90 3.94 -34.99
CA GLY A 379 26.44 4.38 -36.29
C GLY A 379 25.04 4.94 -36.32
N VAL A 380 24.50 5.26 -35.14
CA VAL A 380 23.22 5.93 -35.05
C VAL A 380 23.42 7.43 -35.23
N GLU A 381 22.52 8.03 -36.01
CA GLU A 381 22.58 9.45 -36.31
C GLU A 381 21.48 10.15 -35.52
N MET A 382 21.91 11.09 -34.67
CA MET A 382 21.00 11.74 -33.73
C MET A 382 21.43 13.18 -33.46
N GLY A 383 20.45 14.07 -33.35
CA GLY A 383 20.69 15.45 -32.90
C GLY A 383 20.94 15.53 -31.40
N ASP A 384 21.73 16.52 -30.98
CA ASP A 384 22.11 16.70 -29.58
C ASP A 384 20.93 16.99 -28.64
N GLU A 385 19.84 17.51 -29.21
CA GLU A 385 18.63 17.81 -28.43
C GLU A 385 17.45 16.93 -28.80
N ASP A 386 17.69 15.82 -29.50
CA ASP A 386 16.62 14.89 -29.80
C ASP A 386 16.29 14.05 -28.58
N ASP A 387 15.05 13.57 -28.52
CA ASP A 387 14.63 12.60 -27.52
C ASP A 387 15.12 11.22 -27.95
N LEU A 388 15.32 10.33 -26.97
CA LEU A 388 15.62 8.94 -27.26
C LEU A 388 14.39 8.25 -27.82
N SER A 389 14.51 7.69 -29.02
CA SER A 389 13.51 6.80 -29.57
C SER A 389 13.55 5.46 -28.82
N THR A 390 12.45 4.72 -28.85
CA THR A 390 12.38 3.38 -28.23
C THR A 390 13.48 2.44 -28.74
N PRO A 391 13.65 2.32 -30.08
CA PRO A 391 14.73 1.49 -30.60
C PRO A 391 16.09 1.95 -30.07
N ASN A 392 16.31 3.25 -29.97
CA ASN A 392 17.56 3.76 -29.41
C ASN A 392 17.74 3.51 -27.91
N GLU A 393 16.64 3.53 -27.14
CA GLU A 393 16.71 3.14 -25.71
C GLU A 393 17.13 1.69 -25.59
N LYS A 394 16.53 0.86 -26.42
CA LYS A 394 16.82 -0.55 -26.41
C LYS A 394 18.30 -0.82 -26.77
N LEU A 395 18.82 -0.14 -27.78
CA LEU A 395 20.23 -0.26 -28.13
C LEU A 395 21.16 0.24 -27.07
N LEU A 396 20.84 1.39 -26.52
CA LEU A 396 21.67 1.94 -25.48
C LEU A 396 21.64 0.97 -24.32
N GLY A 397 20.50 0.42 -24.03
CA GLY A 397 20.38 -0.57 -22.99
C GLY A 397 21.19 -1.80 -23.25
N HIS A 398 21.18 -2.28 -24.47
CA HIS A 398 22.09 -3.35 -24.81
C HIS A 398 23.55 -2.92 -24.67
N LEU A 399 23.91 -1.72 -25.09
CA LEU A 399 25.28 -1.26 -24.98
C LEU A 399 25.79 -1.18 -23.57
N VAL A 400 24.95 -0.67 -22.69
CA VAL A 400 25.17 -0.56 -21.27
C VAL A 400 25.31 -1.91 -20.63
N LYS A 401 24.48 -2.84 -21.04
CA LYS A 401 24.54 -4.19 -20.54
C LYS A 401 25.85 -4.86 -20.92
N GLU A 402 26.26 -4.69 -22.15
CA GLU A 402 27.55 -5.16 -22.60
C GLU A 402 28.73 -4.45 -21.96
N LYS A 403 28.69 -3.13 -21.92
CA LYS A 403 29.74 -2.38 -21.28
C LYS A 403 29.86 -2.44 -19.76
N TYR A 404 28.74 -2.39 -19.06
CA TYR A 404 28.79 -2.32 -17.63
C TYR A 404 28.23 -3.49 -16.87
N ASP A 405 27.72 -4.45 -17.58
CA ASP A 405 27.13 -5.68 -17.01
C ASP A 405 26.03 -5.32 -16.02
N THR A 406 25.10 -4.47 -16.47
CA THR A 406 23.94 -4.11 -15.69
C THR A 406 22.68 -3.94 -16.54
N ASP A 407 21.59 -4.43 -15.98
CA ASP A 407 20.29 -4.32 -16.60
C ASP A 407 19.55 -3.06 -16.11
N PHE A 408 20.05 -2.44 -15.04
CA PHE A 408 19.45 -1.20 -14.50
C PHE A 408 20.45 -0.03 -14.53
N TYR A 409 20.01 1.12 -15.01
CA TYR A 409 20.85 2.34 -15.00
C TYR A 409 19.98 3.61 -15.13
N ILE A 410 20.60 4.76 -14.86
CA ILE A 410 19.96 6.06 -14.94
C ILE A 410 20.57 6.83 -16.10
N LEU A 411 19.77 7.47 -16.91
CA LEU A 411 20.25 8.44 -17.87
C LEU A 411 19.83 9.83 -17.41
N ASP A 412 20.78 10.70 -17.23
CA ASP A 412 20.59 12.01 -16.63
C ASP A 412 20.87 13.13 -17.63
N LYS A 413 20.33 14.31 -17.40
CA LYS A 413 20.45 15.48 -18.26
C LYS A 413 19.90 15.48 -19.63
N TYR A 414 18.62 15.18 -19.76
CA TYR A 414 17.92 15.22 -20.99
C TYR A 414 17.74 16.66 -21.46
N PRO A 415 17.57 16.85 -22.74
CA PRO A 415 17.37 18.18 -23.27
C PRO A 415 16.12 18.79 -22.70
N LEU A 416 16.20 20.05 -22.32
CA LEU A 416 15.12 20.77 -21.71
C LEU A 416 13.92 20.76 -22.62
N ALA A 417 14.17 20.82 -23.92
CA ALA A 417 13.13 20.81 -24.92
C ALA A 417 12.26 19.58 -24.99
N VAL A 418 12.75 18.42 -24.63
CA VAL A 418 11.93 17.24 -24.65
C VAL A 418 11.18 16.95 -23.36
N ARG A 419 11.52 17.65 -22.30
CA ARG A 419 10.86 17.49 -21.03
C ARG A 419 9.67 18.42 -20.76
N PRO A 420 8.83 18.01 -19.83
CA PRO A 420 7.63 18.73 -19.45
C PRO A 420 7.91 20.10 -18.81
N PHE A 421 6.97 21.02 -18.95
CA PHE A 421 7.17 22.42 -18.56
C PHE A 421 7.66 22.64 -17.12
N TYR A 422 7.27 21.75 -16.21
CA TYR A 422 7.60 21.89 -14.80
C TYR A 422 9.02 21.44 -14.48
N THR A 423 9.79 21.07 -15.51
CA THR A 423 11.15 20.56 -15.37
C THR A 423 12.16 21.69 -15.15
N MET A 424 12.99 21.57 -14.11
CA MET A 424 13.98 22.59 -13.81
C MET A 424 15.10 22.57 -14.85
N PRO A 425 15.41 23.74 -15.44
CA PRO A 425 16.55 23.79 -16.36
C PRO A 425 17.87 23.54 -15.67
N ASP A 426 18.81 22.96 -16.36
CA ASP A 426 20.14 22.85 -15.90
C ASP A 426 20.80 24.20 -15.87
N PRO A 427 21.38 24.54 -14.74
CA PRO A 427 21.97 25.85 -14.51
C PRO A 427 23.34 26.08 -15.15
N ARG A 428 24.16 25.06 -15.33
CA ARG A 428 25.41 25.16 -16.06
C ARG A 428 25.20 25.08 -17.57
N ASN A 429 24.42 24.12 -18.00
CA ASN A 429 24.16 23.83 -19.39
C ASN A 429 22.69 23.98 -19.71
N PRO A 430 22.34 25.18 -20.09
CA PRO A 430 20.97 25.66 -20.23
C PRO A 430 20.13 25.04 -21.32
N LYS A 431 20.77 24.35 -22.21
CA LYS A 431 20.13 23.45 -23.14
C LYS A 431 19.60 22.15 -22.49
N GLN A 432 20.29 21.68 -21.50
CA GLN A 432 19.89 20.51 -20.76
C GLN A 432 18.98 20.79 -19.54
N SER A 433 18.51 19.75 -18.90
CA SER A 433 17.60 19.92 -17.78
C SER A 433 17.99 19.00 -16.63
N ASN A 434 17.50 19.32 -15.44
CA ASN A 434 17.73 18.50 -14.27
C ASN A 434 16.71 17.35 -14.25
N SER A 435 16.86 16.43 -15.20
CA SER A 435 15.88 15.41 -15.47
C SER A 435 16.55 14.09 -15.78
N TYR A 436 15.84 12.99 -15.59
CA TYR A 436 16.44 11.65 -15.67
C TYR A 436 15.41 10.60 -16.03
N ASP A 437 15.82 9.60 -16.81
CA ASP A 437 15.04 8.36 -16.97
C ASP A 437 15.84 7.23 -16.37
N MET A 438 15.15 6.18 -15.94
CA MET A 438 15.79 4.92 -15.54
C MET A 438 15.21 3.78 -16.36
N PHE A 439 16.02 2.74 -16.56
CA PHE A 439 15.67 1.67 -17.49
C PHE A 439 15.87 0.31 -16.86
N MET A 440 15.01 -0.63 -17.20
CA MET A 440 15.27 -2.04 -16.89
C MET A 440 15.29 -2.80 -18.21
N ARG A 441 16.32 -3.61 -18.41
CA ARG A 441 16.49 -4.37 -19.66
C ARG A 441 16.21 -3.52 -20.90
N GLY A 442 16.72 -2.28 -20.85
CA GLY A 442 16.73 -1.40 -22.00
C GLY A 442 15.40 -0.76 -22.31
N GLU A 443 14.48 -0.80 -21.33
CA GLU A 443 13.13 -0.22 -21.45
C GLU A 443 12.87 0.73 -20.29
N GLU A 444 12.29 1.88 -20.60
CA GLU A 444 12.17 2.97 -19.64
C GLU A 444 11.15 2.58 -18.56
N ILE A 445 11.53 2.73 -17.30
CA ILE A 445 10.59 2.45 -16.23
C ILE A 445 10.26 3.68 -15.38
N LEU A 446 11.09 4.70 -15.50
CA LEU A 446 10.90 5.91 -14.70
C LEU A 446 11.38 7.11 -15.47
N SER A 447 10.61 8.20 -15.38
CA SER A 447 10.98 9.45 -16.01
C SER A 447 10.73 10.61 -15.04
N GLY A 448 11.79 11.03 -14.35
CA GLY A 448 11.67 12.09 -13.35
C GLY A 448 12.45 13.36 -13.61
N ALA A 449 12.32 14.33 -12.70
CA ALA A 449 13.09 15.57 -12.74
C ALA A 449 12.99 16.33 -11.42
N GLN A 450 13.93 17.25 -11.19
CA GLN A 450 13.72 18.35 -10.25
C GLN A 450 12.60 19.16 -10.84
N ARG A 451 11.59 19.49 -10.02
CA ARG A 451 10.47 20.32 -10.45
C ARG A 451 10.79 21.79 -10.22
N ILE A 452 9.99 22.67 -10.79
CA ILE A 452 10.20 24.10 -10.56
C ILE A 452 9.36 24.58 -9.37
N HIS A 453 10.01 24.92 -8.27
CA HIS A 453 9.29 25.37 -7.08
C HIS A 453 9.02 26.89 -7.05
N ASP A 454 9.43 27.60 -8.10
CA ASP A 454 9.34 29.06 -8.15
C ASP A 454 8.19 29.48 -9.06
N PRO A 455 7.21 30.19 -8.52
CA PRO A 455 6.07 30.64 -9.34
C PRO A 455 6.46 31.31 -10.66
N GLN A 456 7.37 32.27 -10.64
CA GLN A 456 7.71 33.01 -11.84
C GLN A 456 8.28 32.11 -12.95
N LEU A 457 9.27 31.31 -12.66
CA LEU A 457 9.91 30.45 -13.63
C LEU A 457 8.99 29.39 -14.19
N LEU A 458 8.16 28.85 -13.35
CA LEU A 458 7.19 27.89 -13.73
C LEU A 458 6.25 28.47 -14.73
N THR A 459 5.82 29.68 -14.49
CA THR A 459 4.95 30.40 -15.37
C THR A 459 5.64 30.67 -16.69
N GLU A 460 6.90 31.04 -16.63
CA GLU A 460 7.68 31.30 -17.81
C GLU A 460 7.86 30.09 -18.70
N ARG A 461 8.16 28.96 -18.08
N ARG A 461 8.13 28.96 -18.07
CA ARG A 461 8.27 27.69 -18.80
CA ARG A 461 8.27 27.70 -18.77
C ARG A 461 6.92 27.32 -19.40
C ARG A 461 6.94 27.19 -19.34
N ALA A 462 5.85 27.41 -18.61
CA ALA A 462 4.49 27.10 -19.10
C ALA A 462 4.13 27.91 -20.33
N LEU A 463 4.49 29.20 -20.30
CA LEU A 463 4.30 30.08 -21.45
C LEU A 463 5.08 29.62 -22.67
N HIS A 464 6.33 29.22 -22.47
CA HIS A 464 7.15 28.69 -23.56
C HIS A 464 6.54 27.43 -24.19
N HIS A 465 5.81 26.65 -23.39
CA HIS A 465 5.20 25.40 -23.85
C HIS A 465 3.81 25.60 -24.41
N GLY A 466 3.38 26.85 -24.45
CA GLY A 466 2.08 27.21 -24.99
C GLY A 466 0.89 26.86 -24.12
N ILE A 467 1.14 26.55 -22.86
CA ILE A 467 0.07 26.20 -21.92
C ILE A 467 -0.76 27.44 -21.53
N ASP A 468 -2.08 27.29 -21.55
CA ASP A 468 -2.96 28.32 -21.04
C ASP A 468 -2.79 28.41 -19.52
N LEU A 469 -2.37 29.59 -19.06
CA LEU A 469 -2.05 29.83 -17.66
C LEU A 469 -3.29 29.75 -16.78
N GLU A 470 -4.45 30.07 -17.34
CA GLU A 470 -5.67 30.06 -16.57
C GLU A 470 -5.98 28.65 -16.07
N LYS A 471 -5.86 27.64 -16.92
CA LYS A 471 -6.20 26.29 -16.50
C LYS A 471 -5.17 25.59 -15.59
N ILE A 472 -4.02 26.23 -15.37
CA ILE A 472 -3.04 25.71 -14.39
C ILE A 472 -2.77 26.68 -13.24
N LYS A 473 -3.61 27.69 -13.11
CA LYS A 473 -3.42 28.76 -12.13
C LYS A 473 -3.38 28.25 -10.70
N ALA A 474 -4.31 27.35 -10.37
CA ALA A 474 -4.36 26.76 -9.04
C ALA A 474 -3.07 26.00 -8.73
N TYR A 475 -2.51 25.35 -9.75
CA TYR A 475 -1.26 24.59 -9.58
C TYR A 475 -0.09 25.53 -9.29
N ILE A 476 0.02 26.60 -10.07
CA ILE A 476 1.09 27.58 -9.88
C ILE A 476 0.95 28.28 -8.54
N ASP A 477 -0.27 28.67 -8.19
CA ASP A 477 -0.53 29.33 -6.92
C ASP A 477 -0.08 28.53 -5.69
N SER A 478 -0.05 27.20 -5.81
CA SER A 478 0.33 26.36 -4.68
C SER A 478 1.81 26.47 -4.32
N PHE A 479 2.59 27.14 -5.16
CA PHE A 479 4.01 27.36 -4.91
C PHE A 479 4.32 28.76 -4.39
N ARG A 480 3.32 29.63 -4.34
CA ARG A 480 3.57 31.05 -4.02
C ARG A 480 3.70 31.40 -2.53
N PHE A 481 3.42 30.44 -1.66
CA PHE A 481 3.55 30.70 -0.21
C PHE A 481 4.68 29.92 0.38
N GLY A 482 5.78 29.90 -0.35
CA GLY A 482 6.96 29.14 0.06
C GLY A 482 6.81 27.72 -0.41
N ALA A 483 7.84 27.23 -1.09
CA ALA A 483 7.95 25.82 -1.47
C ALA A 483 9.42 25.39 -1.51
N PRO A 484 9.71 24.16 -1.05
CA PRO A 484 11.09 23.73 -1.06
C PRO A 484 11.47 23.18 -2.43
N PRO A 485 12.80 23.13 -2.72
CA PRO A 485 13.23 22.47 -3.95
C PRO A 485 12.89 20.99 -3.83
N HIS A 486 12.34 20.42 -4.89
CA HIS A 486 11.95 19.03 -4.82
C HIS A 486 12.02 18.34 -6.18
N ALA A 487 12.10 17.01 -6.12
CA ALA A 487 12.14 16.15 -7.30
C ALA A 487 11.39 14.84 -7.03
N GLY A 488 11.19 14.03 -8.07
CA GLY A 488 10.55 12.72 -7.92
C GLY A 488 10.43 11.95 -9.22
N GLY A 489 9.40 11.10 -9.30
CA GLY A 489 9.20 10.19 -10.44
C GLY A 489 8.54 8.90 -9.99
N GLY A 490 8.08 8.09 -10.94
CA GLY A 490 7.29 6.89 -10.62
C GLY A 490 7.49 5.73 -11.59
N ILE A 491 6.99 4.56 -11.19
CA ILE A 491 7.02 3.34 -11.98
C ILE A 491 5.67 2.72 -12.07
N GLY A 492 5.55 1.83 -13.02
CA GLY A 492 4.38 1.04 -13.24
C GLY A 492 4.69 -0.35 -12.74
N LEU A 493 3.86 -0.85 -11.86
CA LEU A 493 4.12 -2.12 -11.25
C LEU A 493 4.17 -3.31 -12.20
N GLU A 494 3.20 -3.38 -13.09
CA GLU A 494 3.11 -4.44 -14.05
C GLU A 494 4.32 -4.43 -14.96
N ARG A 495 4.67 -3.24 -15.42
CA ARG A 495 5.86 -3.00 -16.25
C ARG A 495 7.15 -3.47 -15.60
N VAL A 496 7.36 -3.07 -14.35
CA VAL A 496 8.55 -3.44 -13.60
C VAL A 496 8.56 -4.96 -13.33
N THR A 497 7.39 -5.54 -13.05
CA THR A 497 7.28 -6.98 -12.87
C THR A 497 7.70 -7.71 -14.17
N MET A 498 7.13 -7.27 -15.29
CA MET A 498 7.39 -7.85 -16.60
C MET A 498 8.87 -7.82 -16.97
N LEU A 499 9.51 -6.66 -16.79
CA LEU A 499 10.92 -6.50 -17.14
C LEU A 499 11.88 -7.24 -16.23
N PHE A 500 11.56 -7.32 -14.94
CA PHE A 500 12.44 -8.03 -14.00
C PHE A 500 12.54 -9.52 -14.35
N LEU A 501 11.43 -10.09 -14.75
CA LEU A 501 11.36 -11.46 -15.09
C LEU A 501 11.57 -11.73 -16.55
N GLY A 502 11.73 -10.70 -17.35
CA GLY A 502 11.90 -10.81 -18.78
C GLY A 502 10.81 -11.39 -19.60
N LEU A 503 9.59 -11.08 -19.23
CA LEU A 503 8.39 -11.50 -19.86
C LEU A 503 8.03 -10.76 -21.14
N HIS A 504 7.13 -11.35 -21.91
CA HIS A 504 6.69 -10.85 -23.21
C HIS A 504 5.85 -9.59 -23.29
N ASN A 505 4.88 -9.45 -22.44
CA ASN A 505 4.11 -8.20 -22.40
C ASN A 505 3.41 -8.02 -21.06
N VAL A 506 3.03 -6.80 -20.79
CA VAL A 506 2.54 -6.48 -19.49
C VAL A 506 1.40 -7.37 -19.11
N ARG A 507 0.75 -7.98 -20.06
CA ARG A 507 -0.44 -8.73 -19.76
C ARG A 507 -0.07 -9.87 -18.90
N GLN A 508 1.11 -10.39 -19.13
CA GLN A 508 1.60 -11.44 -18.30
C GLN A 508 1.84 -11.02 -16.86
N THR A 509 1.63 -9.74 -16.48
CA THR A 509 1.92 -9.27 -15.15
C THR A 509 0.78 -8.42 -14.62
N SER A 510 -0.35 -8.49 -15.32
CA SER A 510 -1.58 -7.89 -14.84
C SER A 510 -2.54 -9.00 -14.40
N MET A 511 -3.03 -8.91 -13.17
CA MET A 511 -3.88 -9.94 -12.58
C MET A 511 -5.21 -10.01 -13.30
N PHE A 512 -5.75 -8.87 -13.64
CA PHE A 512 -7.00 -8.76 -14.32
C PHE A 512 -6.90 -7.87 -15.52
N PRO A 513 -6.28 -8.40 -16.55
CA PRO A 513 -6.04 -7.67 -17.77
C PRO A 513 -7.27 -7.34 -18.59
N ARG A 514 -7.21 -6.20 -19.23
CA ARG A 514 -8.24 -5.70 -20.11
C ARG A 514 -7.58 -4.94 -21.25
N ASP A 515 -7.55 -5.41 -22.50
CA ASP A 515 -8.00 -6.70 -23.00
C ASP A 515 -7.55 -6.76 -24.45
N ALA B 41 32.27 49.49 6.92
CA ALA B 41 31.55 50.39 6.05
C ALA B 41 30.04 50.24 6.27
N GLU B 42 29.67 50.33 7.53
CA GLU B 42 28.35 50.11 8.16
C GLU B 42 27.80 48.67 8.30
N ASP B 43 27.54 47.93 7.22
CA ASP B 43 26.98 46.56 7.36
C ASP B 43 27.99 45.43 7.31
N TYR B 44 28.45 45.04 8.48
CA TYR B 44 29.42 44.01 8.63
C TYR B 44 28.89 42.63 8.37
N ALA B 45 27.57 42.52 8.32
CA ALA B 45 26.90 41.26 8.24
C ALA B 45 26.43 40.91 6.88
N LYS B 46 26.91 41.61 5.88
CA LYS B 46 26.38 41.53 4.54
C LYS B 46 26.40 40.13 3.97
N GLU B 47 27.44 39.38 4.22
CA GLU B 47 27.56 38.07 3.66
C GLU B 47 26.74 37.04 4.41
N ARG B 48 26.17 37.44 5.52
N ARG B 48 26.18 37.45 5.52
CA ARG B 48 25.54 36.51 6.45
CA ARG B 48 25.55 36.52 6.46
C ARG B 48 24.04 36.34 6.23
C ARG B 48 24.04 36.37 6.27
N TYR B 49 23.52 37.04 5.25
CA TYR B 49 22.13 36.84 5.29
C TYR B 49 21.74 37.35 3.97
N GLY B 50 20.50 37.14 3.59
CA GLY B 50 19.96 37.61 2.35
C GLY B 50 19.12 36.60 1.62
N ILE B 51 18.72 36.96 0.43
CA ILE B 51 17.94 36.10 -0.40
C ILE B 51 18.86 35.36 -1.31
N SER B 52 18.82 34.07 -1.23
CA SER B 52 19.76 33.28 -1.96
C SER B 52 19.28 32.98 -3.33
N SER B 53 20.23 32.63 -4.15
CA SER B 53 19.88 32.21 -5.53
C SER B 53 18.87 31.08 -5.48
N MET B 54 18.01 31.01 -6.50
CA MET B 54 17.13 29.87 -6.63
C MET B 54 17.93 28.57 -6.65
N ILE B 55 17.49 27.60 -5.84
CA ILE B 55 18.10 26.27 -5.79
C ILE B 55 17.78 25.52 -7.08
N GLN B 56 18.79 25.41 -7.94
CA GLN B 56 18.64 24.78 -9.23
C GLN B 56 19.65 23.66 -9.37
N SER B 57 20.12 23.13 -8.25
CA SER B 57 21.10 22.04 -8.26
C SER B 57 22.39 22.48 -8.97
N GLN B 58 22.87 23.65 -8.63
CA GLN B 58 24.09 24.20 -9.12
C GLN B 58 25.28 23.87 -8.25
N GLU B 59 25.08 23.16 -7.19
CA GLU B 59 26.10 22.84 -6.16
C GLU B 59 25.71 21.72 -5.21
N LYS B 60 26.69 20.97 -4.57
CA LYS B 60 26.50 19.99 -3.50
C LYS B 60 27.33 20.41 -2.28
N PRO B 61 26.85 21.39 -1.51
CA PRO B 61 27.60 21.88 -0.36
C PRO B 61 27.86 20.78 0.66
N ASP B 62 29.03 20.86 1.31
CA ASP B 62 29.36 20.02 2.44
C ASP B 62 28.70 20.66 3.66
N ARG B 63 27.43 20.33 3.88
CA ARG B 63 26.62 20.94 4.91
C ARG B 63 25.59 19.90 5.36
N VAL B 64 25.42 19.77 6.67
CA VAL B 64 24.39 18.92 7.24
C VAL B 64 23.30 19.83 7.79
N LEU B 65 22.07 19.64 7.32
CA LEU B 65 20.91 20.34 7.85
C LEU B 65 20.26 19.49 8.93
N VAL B 66 20.20 20.01 10.15
CA VAL B 66 19.62 19.23 11.26
C VAL B 66 18.11 19.47 11.39
N ARG B 67 17.39 18.42 11.77
CA ARG B 67 15.95 18.50 12.00
C ARG B 67 15.65 19.30 13.25
N VAL B 68 14.62 20.15 13.20
CA VAL B 68 14.19 20.90 14.39
C VAL B 68 13.94 19.99 15.60
N ARG B 69 13.32 18.82 15.39
CA ARG B 69 13.08 17.84 16.47
C ARG B 69 14.34 17.44 17.21
N ASP B 70 15.49 17.64 16.57
CA ASP B 70 16.76 17.21 17.14
C ASP B 70 17.44 18.31 17.95
N LEU B 71 16.83 19.47 17.99
CA LEU B 71 17.39 20.59 18.72
C LEU B 71 17.03 20.43 20.16
N THR B 72 18.01 20.00 20.91
CA THR B 72 17.85 19.67 22.27
C THR B 72 19.09 20.04 23.00
N ILE B 73 19.00 19.83 24.29
CA ILE B 73 19.97 20.18 25.24
C ILE B 73 21.27 19.44 24.92
N GLN B 74 21.14 18.29 24.29
CA GLN B 74 22.28 17.51 23.86
C GLN B 74 23.12 18.19 22.81
N LYS B 75 22.55 19.13 22.09
CA LYS B 75 23.29 19.80 21.09
C LYS B 75 23.74 21.16 21.49
N ALA B 76 23.72 21.43 22.79
CA ALA B 76 24.07 22.74 23.31
C ALA B 76 25.44 23.22 22.94
N ASP B 77 25.47 24.43 22.43
CA ASP B 77 26.71 25.14 22.06
C ASP B 77 27.32 24.67 20.75
N GLU B 78 26.60 23.79 20.06
CA GLU B 78 26.98 23.37 18.72
C GLU B 78 26.49 24.39 17.70
N VAL B 79 27.28 24.58 16.64
CA VAL B 79 26.83 25.32 15.48
C VAL B 79 26.11 24.33 14.56
N VAL B 80 24.94 24.73 14.09
CA VAL B 80 24.15 23.85 13.22
C VAL B 80 23.53 24.64 12.08
N TRP B 81 23.16 23.92 11.03
CA TRP B 81 22.38 24.46 9.95
C TRP B 81 20.98 23.88 10.02
N VAL B 82 19.99 24.73 9.88
CA VAL B 82 18.60 24.31 9.94
C VAL B 82 17.84 24.90 8.77
N ARG B 83 17.03 24.09 8.10
CA ARG B 83 16.07 24.62 7.10
C ARG B 83 14.66 24.51 7.66
N ALA B 84 13.93 25.64 7.63
CA ALA B 84 12.62 25.72 8.25
C ALA B 84 11.74 26.83 7.68
N ARG B 85 10.49 26.83 8.12
CA ARG B 85 9.52 27.85 7.80
C ARG B 85 9.51 28.91 8.90
N VAL B 86 9.35 30.17 8.49
CA VAL B 86 9.07 31.26 9.41
C VAL B 86 7.60 31.21 9.78
N HIS B 87 7.31 30.57 10.91
CA HIS B 87 5.95 30.43 11.40
C HIS B 87 5.41 31.77 11.87
N THR B 88 6.21 32.45 12.66
CA THR B 88 5.96 33.81 13.09
C THR B 88 7.29 34.45 13.47
N SER B 89 7.28 35.77 13.64
CA SER B 89 8.43 36.51 14.13
C SER B 89 8.00 37.80 14.84
N ARG B 90 8.89 38.32 15.67
CA ARG B 90 8.65 39.60 16.35
C ARG B 90 9.96 40.31 16.54
N ALA B 91 9.90 41.63 16.51
CA ALA B 91 11.10 42.43 16.56
C ALA B 91 10.88 43.68 17.41
N LYS B 92 11.91 44.03 18.21
CA LYS B 92 12.02 45.30 18.91
C LYS B 92 13.48 45.53 19.29
N GLY B 93 13.93 46.78 19.19
CA GLY B 93 15.27 47.16 19.58
C GLY B 93 16.29 46.43 18.73
N LYS B 94 17.25 45.79 19.39
CA LYS B 94 18.34 45.10 18.71
C LYS B 94 18.06 43.62 18.45
N GLN B 95 16.81 43.18 18.56
CA GLN B 95 16.49 41.75 18.55
C GLN B 95 15.35 41.38 17.59
N CYS B 96 15.47 40.19 16.97
CA CYS B 96 14.35 39.57 16.25
C CYS B 96 14.21 38.12 16.68
N PHE B 97 13.04 37.77 17.18
CA PHE B 97 12.71 36.40 17.52
C PHE B 97 11.85 35.79 16.43
N LEU B 98 12.23 34.61 15.97
CA LEU B 98 11.41 33.90 14.99
C LEU B 98 11.01 32.55 15.55
N VAL B 99 9.87 32.08 15.16
CA VAL B 99 9.57 30.72 15.41
C VAL B 99 9.83 29.99 14.13
N LEU B 100 10.73 29.04 14.19
CA LEU B 100 11.09 28.24 13.06
C LEU B 100 10.41 26.91 13.13
N ARG B 101 9.61 26.62 12.13
CA ARG B 101 8.80 25.44 12.13
C ARG B 101 9.22 24.45 11.07
N GLN B 102 9.41 23.23 11.48
CA GLN B 102 9.69 22.17 10.57
C GLN B 102 8.67 21.15 10.91
N GLN B 103 7.54 21.21 10.22
CA GLN B 103 6.45 20.29 10.43
C GLN B 103 5.79 20.40 11.80
N GLN B 104 5.79 19.32 12.53
CA GLN B 104 5.22 19.27 13.86
C GLN B 104 6.02 19.97 14.89
N PHE B 105 7.31 20.10 14.64
CA PHE B 105 8.25 20.70 15.54
C PHE B 105 8.58 22.12 15.21
N ASN B 106 8.82 22.91 16.24
CA ASN B 106 9.21 24.28 16.13
C ASN B 106 10.18 24.68 17.23
N VAL B 107 11.02 25.67 16.92
CA VAL B 107 12.09 26.13 17.78
C VAL B 107 12.15 27.68 17.71
N GLN B 108 12.56 28.30 18.82
CA GLN B 108 12.69 29.75 18.86
C GLN B 108 14.09 30.14 18.42
N ALA B 109 14.17 31.15 17.55
CA ALA B 109 15.47 31.61 17.06
C ALA B 109 15.63 33.10 17.34
N LEU B 110 16.86 33.50 17.64
CA LEU B 110 17.15 34.87 18.04
C LEU B 110 18.21 35.46 17.12
N VAL B 111 17.87 36.52 16.41
CA VAL B 111 18.83 37.35 15.72
C VAL B 111 19.00 38.62 16.53
N ALA B 112 20.23 39.01 16.78
CA ALA B 112 20.51 40.09 17.70
C ALA B 112 21.81 40.79 17.33
N VAL B 113 21.78 42.12 17.32
CA VAL B 113 22.99 42.88 17.02
C VAL B 113 24.12 42.40 17.94
N GLY B 114 25.24 42.02 17.31
CA GLY B 114 26.35 41.42 18.02
C GLY B 114 27.44 41.08 17.01
N ASP B 115 28.31 40.14 17.38
CA ASP B 115 29.45 39.77 16.54
C ASP B 115 29.07 39.31 15.13
N HIS B 116 27.93 38.64 15.00
CA HIS B 116 27.51 38.10 13.72
C HIS B 116 26.52 39.01 12.98
N ALA B 117 25.37 39.24 13.52
CA ALA B 117 24.37 40.02 12.87
C ALA B 117 24.50 41.50 13.13
N SER B 118 24.21 42.28 12.13
CA SER B 118 24.16 43.70 12.20
C SER B 118 22.75 44.13 12.42
N LYS B 119 22.54 45.42 12.53
CA LYS B 119 21.26 46.00 12.63
C LYS B 119 20.52 45.67 11.39
N GLN B 120 21.25 45.68 10.31
CA GLN B 120 20.68 45.43 9.03
C GLN B 120 20.13 44.02 8.91
N MET B 121 20.88 43.05 9.44
CA MET B 121 20.49 41.66 9.45
C MET B 121 19.25 41.42 10.31
N VAL B 122 19.25 42.00 11.49
CA VAL B 122 18.09 41.95 12.37
C VAL B 122 16.85 42.48 11.67
N LYS B 123 17.00 43.61 10.97
CA LYS B 123 15.88 44.22 10.26
C LYS B 123 15.36 43.31 9.14
N PHE B 124 16.29 42.73 8.38
CA PHE B 124 15.98 41.79 7.32
C PHE B 124 15.19 40.59 7.85
N ALA B 125 15.75 39.91 8.86
CA ALA B 125 15.06 38.80 9.51
C ALA B 125 13.65 39.19 9.94
N ALA B 126 13.53 40.39 10.53
CA ALA B 126 12.24 40.89 10.98
C ALA B 126 11.24 41.09 9.86
N ASN B 127 11.71 41.21 8.62
CA ASN B 127 10.80 41.44 7.49
C ASN B 127 10.51 40.22 6.63
N ILE B 128 11.15 39.10 6.93
CA ILE B 128 10.85 37.87 6.19
C ILE B 128 9.39 37.50 6.39
N ASN B 129 8.63 37.52 5.30
CA ASN B 129 7.25 37.07 5.26
C ASN B 129 7.07 35.70 5.87
N LYS B 130 6.01 35.55 6.65
CA LYS B 130 5.67 34.25 7.23
C LYS B 130 5.49 33.21 6.13
N GLU B 131 5.85 31.98 6.47
CA GLU B 131 5.77 30.82 5.58
C GLU B 131 6.93 30.73 4.58
N SER B 132 7.73 31.79 4.45
CA SER B 132 9.00 31.66 3.75
C SER B 132 9.82 30.55 4.37
N ILE B 133 10.65 29.90 3.56
CA ILE B 133 11.58 28.90 4.02
C ILE B 133 12.94 29.58 4.07
N VAL B 134 13.64 29.38 5.17
CA VAL B 134 14.96 29.97 5.39
C VAL B 134 15.96 28.87 5.68
N ASP B 135 17.22 29.07 5.31
CA ASP B 135 18.33 28.26 5.82
C ASP B 135 18.97 29.10 6.91
N VAL B 136 19.04 28.57 8.12
CA VAL B 136 19.61 29.32 9.24
C VAL B 136 20.87 28.62 9.74
N GLU B 137 21.94 29.39 9.95
CA GLU B 137 23.05 28.89 10.75
C GLU B 137 23.01 29.59 12.11
N GLY B 138 23.23 28.83 13.17
CA GLY B 138 23.26 29.40 14.51
C GLY B 138 23.84 28.45 15.54
N VAL B 139 24.04 28.96 16.75
CA VAL B 139 24.50 28.16 17.88
C VAL B 139 23.27 27.73 18.67
N VAL B 140 23.31 26.52 19.21
CA VAL B 140 22.24 26.03 20.05
C VAL B 140 22.58 26.53 21.47
N ARG B 141 21.65 27.21 22.12
CA ARG B 141 21.93 27.69 23.47
C ARG B 141 20.89 27.22 24.47
N LYS B 142 21.36 26.58 25.55
CA LYS B 142 20.52 26.27 26.69
C LYS B 142 19.84 27.55 27.22
N VAL B 143 18.51 27.52 27.31
CA VAL B 143 17.74 28.56 28.00
C VAL B 143 17.19 28.02 29.32
N ASN B 144 17.21 28.88 30.32
CA ASN B 144 16.81 28.48 31.67
C ASN B 144 15.31 28.41 31.93
N GLN B 145 14.51 29.19 31.20
CA GLN B 145 13.06 29.04 31.26
C GLN B 145 12.59 28.24 30.08
N LYS B 146 11.69 27.28 30.35
CA LYS B 146 11.05 26.52 29.29
C LYS B 146 10.47 27.45 28.24
N ILE B 147 10.77 27.21 26.97
CA ILE B 147 10.05 27.92 25.92
C ILE B 147 8.81 27.10 25.61
N GLY B 148 7.78 27.36 26.41
CA GLY B 148 6.55 26.57 26.45
C GLY B 148 5.65 26.67 25.24
N SER B 149 5.94 27.61 24.35
CA SER B 149 5.16 27.75 23.10
C SER B 149 5.77 26.94 21.95
N CYS B 150 6.93 26.34 22.19
CA CYS B 150 7.60 25.52 21.19
C CYS B 150 7.70 24.04 21.60
N THR B 151 8.00 23.17 20.63
CA THR B 151 8.21 21.75 20.95
C THR B 151 9.61 21.55 21.49
N GLN B 152 10.53 22.39 21.03
CA GLN B 152 11.89 22.36 21.52
C GLN B 152 11.94 23.44 22.57
N GLN B 153 11.86 23.02 23.82
CA GLN B 153 11.60 23.96 24.92
C GLN B 153 12.85 24.29 25.74
N ASP B 154 13.93 23.54 25.53
CA ASP B 154 15.13 23.66 26.37
C ASP B 154 16.25 24.50 25.76
N VAL B 155 16.08 24.91 24.51
CA VAL B 155 17.15 25.57 23.75
C VAL B 155 16.55 26.59 22.81
N GLU B 156 17.36 27.58 22.41
CA GLU B 156 17.01 28.46 21.33
C GLU B 156 18.20 28.62 20.39
N LEU B 157 17.90 29.03 19.18
CA LEU B 157 18.89 29.16 18.13
C LEU B 157 19.39 30.61 18.06
N HIS B 158 20.67 30.81 18.34
CA HIS B 158 21.28 32.14 18.16
C HIS B 158 21.83 32.27 16.76
N VAL B 159 21.10 32.99 15.91
CA VAL B 159 21.34 33.06 14.46
C VAL B 159 22.68 33.71 14.11
N GLN B 160 23.49 33.04 13.30
CA GLN B 160 24.73 33.63 12.78
C GLN B 160 24.58 33.96 11.29
N LYS B 161 23.71 33.21 10.61
CA LYS B 161 23.37 33.42 9.21
C LYS B 161 21.90 33.08 8.97
N ILE B 162 21.23 33.84 8.11
CA ILE B 162 19.86 33.54 7.72
C ILE B 162 19.60 33.87 6.24
N TYR B 163 19.15 32.89 5.47
CA TYR B 163 18.83 33.11 4.05
C TYR B 163 17.43 32.64 3.70
N VAL B 164 16.70 33.43 2.92
CA VAL B 164 15.44 32.97 2.38
C VAL B 164 15.78 32.11 1.17
N ILE B 165 15.41 30.83 1.22
CA ILE B 165 15.61 29.96 0.04
C ILE B 165 14.30 29.91 -0.75
N SER B 166 13.22 30.29 -0.10
CA SER B 166 11.95 30.41 -0.80
C SER B 166 11.10 31.44 -0.12
N LEU B 167 10.84 32.53 -0.85
CA LEU B 167 10.13 33.68 -0.32
C LEU B 167 8.63 33.54 -0.54
N ALA B 168 7.87 33.54 0.55
CA ALA B 168 6.42 33.47 0.46
C ALA B 168 5.82 34.84 0.15
N GLU B 169 4.78 34.86 -0.68
CA GLU B 169 4.04 36.08 -0.95
C GLU B 169 3.38 36.62 0.32
N PRO B 170 3.15 37.90 0.37
CA PRO B 170 2.72 38.56 1.60
C PRO B 170 1.40 38.23 2.24
N ARG B 171 0.30 38.07 1.53
CA ARG B 171 -0.91 37.90 2.30
C ARG B 171 -1.49 36.50 2.35
N LEU B 172 -1.25 35.82 3.43
CA LEU B 172 -1.69 34.46 3.53
C LEU B 172 -3.18 34.45 3.58
N PRO B 173 -3.79 33.50 2.92
CA PRO B 173 -5.24 33.31 2.96
C PRO B 173 -5.70 32.71 4.28
N LEU B 174 -4.74 32.21 5.06
CA LEU B 174 -5.04 31.43 6.26
C LEU B 174 -3.85 31.49 7.21
N GLN B 175 -4.12 31.82 8.47
CA GLN B 175 -3.08 31.83 9.50
C GLN B 175 -3.06 30.49 10.22
N LEU B 176 -1.88 29.92 10.38
CA LEU B 176 -1.74 28.55 10.90
C LEU B 176 -2.16 28.39 12.37
N ASP B 177 -1.89 29.43 13.18
CA ASP B 177 -2.31 29.46 14.59
C ASP B 177 -3.83 29.47 14.76
N ASP B 178 -4.54 30.08 13.80
CA ASP B 178 -6.00 30.13 13.84
C ASP B 178 -6.62 28.76 13.56
N ALA B 179 -6.04 28.03 12.62
CA ALA B 179 -6.56 26.74 12.16
C ALA B 179 -6.37 25.59 13.17
N VAL B 180 -5.54 25.80 14.20
CA VAL B 180 -5.29 24.76 15.20
C VAL B 180 -5.89 25.01 16.60
N ARG B 181 -6.55 26.16 16.78
CA ARG B 181 -7.11 26.50 18.09
C ARG B 181 -8.55 25.99 18.26
N PRO B 182 -8.87 25.43 19.46
CA PRO B 182 -10.21 24.90 19.74
C PRO B 182 -11.34 25.88 19.42
N THR B 193 -9.84 32.19 14.32
CA THR B 193 -10.24 30.85 13.95
C THR B 193 -10.69 30.71 12.48
N VAL B 194 -10.62 29.49 11.94
CA VAL B 194 -10.84 29.23 10.53
C VAL B 194 -11.91 28.23 10.13
N ASN B 195 -12.76 28.62 9.20
CA ASN B 195 -13.86 27.78 8.69
C ASN B 195 -13.45 26.66 7.70
N GLN B 196 -14.23 25.59 7.60
CA GLN B 196 -13.89 24.41 6.84
C GLN B 196 -13.76 24.89 5.46
N ASP B 197 -14.52 25.92 5.19
CA ASP B 197 -14.54 26.48 3.90
C ASP B 197 -13.30 27.18 3.27
N THR B 198 -12.61 28.03 4.02
CA THR B 198 -11.34 28.61 3.55
C THR B 198 -10.25 27.56 3.55
N ARG B 199 -10.35 26.64 4.47
CA ARG B 199 -9.43 25.49 4.62
C ARG B 199 -9.45 24.41 3.52
N LEU B 200 -10.56 24.31 2.80
CA LEU B 200 -10.60 23.44 1.63
C LEU B 200 -10.18 24.19 0.40
N ASP B 201 -10.34 25.50 0.41
CA ASP B 201 -9.89 26.26 -0.73
C ASP B 201 -8.36 26.40 -0.73
N ASN B 202 -7.78 26.53 0.45
CA ASN B 202 -6.35 26.66 0.58
C ASN B 202 -5.74 25.46 1.28
N ARG B 203 -5.79 24.37 0.59
CA ARG B 203 -5.40 23.07 1.10
C ARG B 203 -3.92 23.02 1.47
N VAL B 204 -3.07 23.57 0.60
CA VAL B 204 -1.62 23.55 0.80
C VAL B 204 -1.24 24.21 2.13
N ILE B 205 -1.88 25.30 2.45
CA ILE B 205 -1.69 25.95 3.73
C ILE B 205 -2.24 25.17 4.93
N ASP B 206 -3.45 24.67 4.80
CA ASP B 206 -4.08 23.95 5.85
C ASP B 206 -3.40 22.66 6.25
N LEU B 207 -2.85 21.95 5.28
CA LEU B 207 -2.14 20.70 5.47
C LEU B 207 -0.88 20.88 6.27
N ARG B 208 -0.39 22.09 6.29
CA ARG B 208 0.71 22.56 7.08
C ARG B 208 0.50 22.61 8.60
N THR B 209 -0.72 22.81 9.06
CA THR B 209 -0.99 22.92 10.50
C THR B 209 -0.51 21.68 11.23
N SER B 210 -0.17 21.87 12.50
CA SER B 210 0.36 20.77 13.30
C SER B 210 -0.70 19.68 13.39
N THR B 211 -1.98 20.06 13.37
CA THR B 211 -3.07 19.09 13.37
C THR B 211 -3.19 18.25 12.08
N SER B 212 -3.11 18.89 10.91
CA SER B 212 -3.13 18.17 9.63
C SER B 212 -1.91 17.25 9.51
N GLN B 213 -0.76 17.74 9.97
CA GLN B 213 0.45 16.95 9.91
C GLN B 213 0.25 15.68 10.73
N ALA B 214 -0.24 15.84 11.97
CA ALA B 214 -0.45 14.71 12.87
C ALA B 214 -1.51 13.76 12.31
N VAL B 215 -2.61 14.31 11.84
CA VAL B 215 -3.67 13.48 11.30
C VAL B 215 -3.14 12.58 10.16
N PHE B 216 -2.46 13.17 9.18
CA PHE B 216 -2.10 12.39 8.00
C PHE B 216 -0.86 11.54 8.11
N ARG B 217 0.06 11.95 8.98
CA ARG B 217 1.15 11.08 9.36
C ARG B 217 0.63 9.81 10.04
N LEU B 218 -0.37 9.97 10.90
CA LEU B 218 -0.95 8.83 11.62
C LEU B 218 -1.75 7.93 10.65
N GLN B 219 -2.41 8.56 9.69
CA GLN B 219 -3.17 7.84 8.70
C GLN B 219 -2.25 6.96 7.84
N SER B 220 -1.08 7.48 7.50
CA SER B 220 -0.12 6.69 6.76
C SER B 220 0.36 5.51 7.63
N GLY B 221 0.52 5.78 8.92
CA GLY B 221 0.84 4.75 9.90
C GLY B 221 -0.19 3.63 10.02
N ILE B 222 -1.46 3.98 9.85
CA ILE B 222 -2.53 2.98 9.85
C ILE B 222 -2.35 2.04 8.66
N CYS B 223 -2.18 2.60 7.47
CA CYS B 223 -1.94 1.84 6.26
C CYS B 223 -0.76 0.89 6.42
N HIS B 224 0.33 1.42 6.94
CA HIS B 224 1.52 0.66 7.19
C HIS B 224 1.25 -0.53 8.10
N LEU B 225 0.70 -0.28 9.28
CA LEU B 225 0.38 -1.32 10.26
C LEU B 225 -0.61 -2.37 9.71
N PHE B 226 -1.57 -1.93 8.91
CA PHE B 226 -2.55 -2.81 8.29
C PHE B 226 -1.85 -3.79 7.34
N ARG B 227 -1.03 -3.28 6.46
CA ARG B 227 -0.28 -4.12 5.56
C ARG B 227 0.70 -5.02 6.23
N GLU B 228 1.43 -4.47 7.16
CA GLU B 228 2.49 -5.19 7.80
C GLU B 228 2.03 -6.39 8.58
N THR B 229 0.97 -6.24 9.34
CA THR B 229 0.37 -7.30 10.10
C THR B 229 -0.17 -8.42 9.22
N LEU B 230 -0.84 -8.04 8.15
CA LEU B 230 -1.45 -8.96 7.22
C LEU B 230 -0.44 -9.79 6.48
N ILE B 231 0.63 -9.14 6.06
CA ILE B 231 1.74 -9.76 5.40
C ILE B 231 2.42 -10.74 6.28
N ASN B 232 2.55 -10.43 7.55
CA ASN B 232 3.13 -11.32 8.52
C ASN B 232 2.25 -12.50 8.81
N LYS B 233 0.97 -12.35 8.56
CA LYS B 233 0.04 -13.43 8.67
C LYS B 233 -0.03 -14.21 7.37
N GLY B 234 0.80 -13.85 6.42
CA GLY B 234 0.83 -14.50 5.13
C GLY B 234 0.03 -13.97 3.99
N PHE B 235 -0.52 -12.79 4.10
CA PHE B 235 -1.38 -12.29 3.03
C PHE B 235 -0.62 -11.84 1.78
N VAL B 236 -1.33 -11.84 0.66
CA VAL B 236 -0.81 -11.33 -0.58
C VAL B 236 -1.60 -10.07 -0.90
N GLU B 237 -0.90 -9.01 -1.29
CA GLU B 237 -1.59 -7.80 -1.72
C GLU B 237 -2.01 -7.95 -3.17
N ILE B 238 -3.24 -7.58 -3.48
CA ILE B 238 -3.65 -7.60 -4.86
C ILE B 238 -4.03 -6.21 -5.35
N GLN B 239 -3.99 -6.05 -6.66
CA GLN B 239 -4.33 -4.79 -7.27
C GLN B 239 -5.64 -4.98 -8.00
N THR B 240 -6.70 -4.34 -7.52
CA THR B 240 -8.01 -4.50 -8.18
C THR B 240 -8.30 -3.34 -9.13
N PRO B 241 -8.95 -3.63 -10.27
CA PRO B 241 -9.20 -2.56 -11.24
C PRO B 241 -10.38 -1.70 -10.82
N LYS B 242 -10.44 -0.47 -11.34
CA LYS B 242 -11.52 0.44 -11.05
C LYS B 242 -12.25 0.85 -12.35
N ILE B 243 -12.65 -0.16 -13.14
CA ILE B 243 -13.37 0.03 -14.41
C ILE B 243 -13.82 -1.32 -15.00
N SER B 269 -16.54 -3.09 -7.62
CA SER B 269 -15.76 -2.97 -6.37
C SER B 269 -14.92 -4.19 -6.13
N PRO B 270 -14.03 -4.10 -5.16
CA PRO B 270 -12.97 -5.07 -4.96
C PRO B 270 -13.46 -6.44 -4.59
N GLN B 271 -14.71 -6.57 -4.19
CA GLN B 271 -15.26 -7.80 -3.67
C GLN B 271 -15.26 -8.92 -4.65
N LEU B 272 -15.72 -8.64 -5.85
CA LEU B 272 -15.70 -9.58 -6.94
C LEU B 272 -14.31 -10.07 -7.15
N TYR B 273 -13.37 -9.16 -7.25
CA TYR B 273 -11.97 -9.51 -7.51
C TYR B 273 -11.25 -10.25 -6.43
N LYS B 274 -11.45 -9.88 -5.18
CA LYS B 274 -10.98 -10.63 -4.04
C LYS B 274 -11.48 -12.08 -4.04
N GLN B 275 -12.69 -12.29 -4.48
CA GLN B 275 -13.24 -13.61 -4.41
C GLN B 275 -12.73 -14.46 -5.54
N MET B 276 -12.45 -13.83 -6.65
CA MET B 276 -11.75 -14.47 -7.75
C MET B 276 -10.39 -14.95 -7.33
N CYS B 277 -9.62 -14.13 -6.64
CA CYS B 277 -8.30 -14.56 -6.16
C CYS B 277 -8.37 -15.77 -5.22
N ILE B 278 -9.33 -15.74 -4.30
CA ILE B 278 -9.60 -16.87 -3.41
C ILE B 278 -9.92 -18.10 -4.26
N CYS B 279 -10.78 -17.94 -5.27
CA CYS B 279 -11.09 -19.05 -6.17
C CYS B 279 -9.90 -19.45 -7.03
N ALA B 280 -8.94 -18.52 -7.18
CA ALA B 280 -7.68 -18.77 -7.87
C ALA B 280 -6.59 -19.24 -6.93
N ASP B 281 -6.98 -19.66 -5.72
CA ASP B 281 -6.04 -20.24 -4.78
C ASP B 281 -5.04 -19.27 -4.12
N PHE B 282 -5.31 -17.97 -4.15
CA PHE B 282 -4.44 -17.05 -3.38
C PHE B 282 -4.58 -17.07 -1.86
N GLU B 283 -5.69 -17.62 -1.34
CA GLU B 283 -5.89 -17.88 0.12
C GLU B 283 -6.07 -16.69 1.05
N LYS B 284 -5.16 -15.72 0.97
CA LYS B 284 -5.15 -14.56 1.86
C LYS B 284 -4.79 -13.32 1.07
N VAL B 285 -5.81 -12.56 0.67
CA VAL B 285 -5.59 -11.37 -0.09
C VAL B 285 -6.04 -10.15 0.67
N PHE B 286 -5.32 -9.05 0.45
CA PHE B 286 -5.81 -7.73 0.82
C PHE B 286 -5.65 -6.72 -0.33
N SER B 287 -6.51 -5.71 -0.34
CA SER B 287 -6.35 -4.60 -1.28
C SER B 287 -6.64 -3.26 -0.63
N ILE B 288 -5.85 -2.27 -1.02
CA ILE B 288 -6.00 -0.88 -0.60
C ILE B 288 -6.14 0.01 -1.83
N GLY B 289 -7.19 0.81 -1.84
CA GLY B 289 -7.46 1.68 -2.98
C GLY B 289 -8.83 2.31 -2.91
N PRO B 290 -9.14 3.18 -3.89
CA PRO B 290 -10.42 3.91 -3.95
C PRO B 290 -11.65 3.00 -4.04
N VAL B 291 -12.70 3.37 -3.30
CA VAL B 291 -13.97 2.64 -3.26
C VAL B 291 -15.12 3.64 -3.52
N PHE B 292 -16.26 3.14 -4.04
CA PHE B 292 -17.38 4.01 -4.45
C PHE B 292 -18.76 3.56 -3.97
N LEU B 303 -22.47 9.36 -4.99
CA LEU B 303 -21.26 9.20 -5.79
C LEU B 303 -20.02 9.70 -5.04
N THR B 304 -19.61 8.95 -4.02
CA THR B 304 -18.47 9.33 -3.16
C THR B 304 -17.29 8.38 -3.30
N GLU B 305 -16.09 8.91 -3.06
CA GLU B 305 -14.86 8.13 -3.07
C GLU B 305 -14.19 8.17 -1.69
N PHE B 306 -13.94 6.99 -1.12
CA PHE B 306 -13.09 6.88 0.07
C PHE B 306 -12.04 5.78 -0.14
N VAL B 307 -11.14 5.60 0.81
CA VAL B 307 -10.09 4.61 0.67
C VAL B 307 -10.42 3.34 1.45
N GLY B 308 -10.45 2.24 0.74
CA GLY B 308 -10.81 0.98 1.29
C GLY B 308 -9.67 0.08 1.62
N LEU B 309 -9.68 -0.49 2.80
CA LEU B 309 -8.73 -1.49 3.15
C LEU B 309 -9.52 -2.74 3.35
N ASP B 310 -9.28 -3.71 2.48
CA ASP B 310 -10.07 -4.91 2.30
C ASP B 310 -9.35 -6.21 2.55
N ILE B 311 -10.04 -7.15 3.16
CA ILE B 311 -9.51 -8.44 3.43
C ILE B 311 -10.45 -9.50 2.93
N GLU B 312 -9.87 -10.59 2.45
CA GLU B 312 -10.60 -11.80 2.06
C GLU B 312 -9.73 -13.01 2.33
N MET B 313 -10.33 -14.03 2.90
CA MET B 313 -9.53 -15.13 3.42
C MET B 313 -10.32 -16.45 3.36
N ALA B 314 -9.74 -17.42 2.66
CA ALA B 314 -10.18 -18.80 2.75
C ALA B 314 -9.88 -19.25 4.18
N PHE B 315 -10.70 -20.13 4.74
CA PHE B 315 -10.45 -20.68 6.09
C PHE B 315 -10.70 -22.21 6.11
N ASN B 316 -10.40 -22.86 7.24
CA ASN B 316 -10.54 -24.30 7.34
C ASN B 316 -11.99 -24.78 7.53
N TYR B 317 -12.61 -24.42 8.66
CA TYR B 317 -13.91 -24.95 8.99
C TYR B 317 -14.90 -23.93 9.52
N HIS B 318 -14.40 -22.83 10.08
CA HIS B 318 -15.32 -21.84 10.68
C HIS B 318 -14.90 -20.39 10.38
N TYR B 319 -15.85 -19.57 9.96
CA TYR B 319 -15.56 -18.18 9.57
C TYR B 319 -14.97 -17.34 10.71
N HIS B 320 -15.13 -17.78 11.94
CA HIS B 320 -14.45 -17.11 13.06
C HIS B 320 -12.94 -17.10 12.90
N GLU B 321 -12.39 -18.04 12.17
CA GLU B 321 -10.94 -18.05 11.89
C GLU B 321 -10.55 -16.73 11.20
N VAL B 322 -11.41 -16.25 10.31
CA VAL B 322 -11.20 -14.98 9.59
C VAL B 322 -11.59 -13.77 10.42
N MET B 323 -12.79 -13.81 11.02
CA MET B 323 -13.26 -12.74 11.91
C MET B 323 -12.19 -12.42 12.94
N GLU B 324 -11.62 -13.47 13.54
CA GLU B 324 -10.54 -13.28 14.49
C GLU B 324 -9.32 -12.63 13.88
N GLU B 325 -8.95 -13.02 12.65
CA GLU B 325 -7.78 -12.43 12.00
C GLU B 325 -8.00 -10.95 11.70
N ILE B 326 -9.21 -10.61 11.26
CA ILE B 326 -9.60 -9.23 11.02
C ILE B 326 -9.59 -8.40 12.30
N ALA B 327 -10.24 -8.91 13.35
CA ALA B 327 -10.27 -8.19 14.63
C ALA B 327 -8.86 -7.99 15.16
N ASP B 328 -8.04 -9.02 15.06
CA ASP B 328 -6.67 -8.96 15.58
C ASP B 328 -5.82 -7.96 14.80
N THR B 329 -6.10 -7.84 13.50
CA THR B 329 -5.39 -6.88 12.68
C THR B 329 -5.70 -5.47 13.16
N MET B 330 -6.97 -5.21 13.47
CA MET B 330 -7.34 -3.92 14.06
C MET B 330 -6.66 -3.71 15.43
N VAL B 331 -6.56 -4.77 16.24
CA VAL B 331 -5.88 -4.67 17.52
C VAL B 331 -4.42 -4.28 17.30
N GLN B 332 -3.77 -4.89 16.33
CA GLN B 332 -2.39 -4.55 16.02
C GLN B 332 -2.26 -3.08 15.54
N ILE B 333 -3.26 -2.60 14.80
CA ILE B 333 -3.28 -1.22 14.38
C ILE B 333 -3.36 -0.30 15.61
N PHE B 334 -4.35 -0.51 16.50
CA PHE B 334 -4.57 0.34 17.66
C PHE B 334 -3.34 0.40 18.54
N LYS B 335 -2.76 -0.77 18.80
CA LYS B 335 -1.58 -0.87 19.62
C LYS B 335 -0.42 -0.11 19.01
N GLY B 336 -0.19 -0.30 17.72
CA GLY B 336 0.96 0.33 17.05
C GLY B 336 0.83 1.84 16.99
N LEU B 337 -0.41 2.33 16.85
CA LEU B 337 -0.64 3.77 16.88
C LEU B 337 -0.29 4.32 18.26
N GLN B 338 -0.73 3.59 19.29
CA GLN B 338 -0.54 4.03 20.66
C GLN B 338 0.92 3.88 21.13
N GLU B 339 1.67 3.00 20.47
CA GLU B 339 3.10 2.84 20.74
C GLU B 339 3.96 3.86 19.99
N ARG B 340 3.61 4.14 18.74
CA ARG B 340 4.53 4.84 17.84
C ARG B 340 4.07 6.23 17.39
N PHE B 341 2.79 6.53 17.57
CA PHE B 341 2.23 7.79 17.09
C PHE B 341 1.62 8.59 18.24
N GLN B 342 2.22 8.47 19.41
CA GLN B 342 1.70 9.17 20.60
C GLN B 342 1.75 10.70 20.48
N THR B 343 2.85 11.24 20.00
CA THR B 343 2.94 12.68 19.86
C THR B 343 1.90 13.20 18.88
N GLU B 344 1.73 12.52 17.73
CA GLU B 344 0.63 12.91 16.85
C GLU B 344 -0.77 12.71 17.43
N ILE B 345 -0.99 11.67 18.24
CA ILE B 345 -2.27 11.50 18.93
C ILE B 345 -2.53 12.69 19.88
N GLN B 346 -1.52 13.07 20.66
CA GLN B 346 -1.60 14.25 21.53
C GLN B 346 -1.81 15.57 20.78
N THR B 347 -1.25 15.66 19.59
CA THR B 347 -1.34 16.90 18.85
C THR B 347 -2.80 17.14 18.51
N VAL B 348 -3.49 16.07 18.09
CA VAL B 348 -4.91 16.17 17.75
C VAL B 348 -5.77 16.32 19.02
N ASN B 349 -5.43 15.58 20.07
CA ASN B 349 -6.09 15.67 21.37
C ASN B 349 -6.23 17.13 21.84
N LYS B 350 -5.13 17.88 21.80
CA LYS B 350 -5.12 19.32 22.13
C LYS B 350 -6.20 20.12 21.40
N GLN B 351 -6.27 20.01 20.07
CA GLN B 351 -7.29 20.72 19.33
C GLN B 351 -8.67 20.07 19.49
N PHE B 352 -8.74 18.74 19.52
CA PHE B 352 -10.02 18.04 19.58
C PHE B 352 -10.01 16.96 20.66
N PRO B 353 -10.36 17.34 21.90
CA PRO B 353 -10.23 16.43 23.05
C PRO B 353 -10.92 15.10 22.83
N CYS B 354 -10.21 14.04 23.17
CA CYS B 354 -10.68 12.70 22.93
C CYS B 354 -10.05 11.76 23.93
N GLU B 355 -10.89 10.99 24.60
CA GLU B 355 -10.41 9.92 25.49
C GLU B 355 -9.59 8.90 24.71
N PRO B 356 -8.50 8.40 25.31
CA PRO B 356 -7.73 7.38 24.60
C PRO B 356 -8.61 6.18 24.22
N PHE B 357 -8.38 5.64 23.03
CA PHE B 357 -9.19 4.56 22.47
C PHE B 357 -8.95 3.27 23.24
N LYS B 358 -10.04 2.63 23.66
CA LYS B 358 -9.93 1.40 24.44
C LYS B 358 -10.32 0.15 23.65
N PHE B 359 -9.62 -0.95 23.94
CA PHE B 359 -9.88 -2.24 23.28
C PHE B 359 -9.40 -3.38 24.18
N LEU B 360 -10.03 -4.54 24.02
CA LEU B 360 -9.70 -5.71 24.81
C LEU B 360 -8.81 -6.66 24.01
N GLU B 361 -8.06 -7.51 24.71
CA GLU B 361 -7.30 -8.59 24.07
C GLU B 361 -7.65 -9.94 24.68
N PRO B 362 -8.43 -10.77 23.94
CA PRO B 362 -8.88 -10.57 22.57
C PRO B 362 -10.14 -9.73 22.45
N THR B 363 -10.54 -9.46 21.22
CA THR B 363 -11.64 -8.59 20.94
C THR B 363 -12.95 -9.10 21.47
N LEU B 364 -13.73 -8.22 22.05
CA LEU B 364 -15.01 -8.57 22.50
C LEU B 364 -15.91 -8.96 21.35
N ARG B 365 -16.58 -10.09 21.47
CA ARG B 365 -17.57 -10.52 20.52
C ARG B 365 -18.92 -10.72 21.19
N LEU B 366 -19.93 -10.12 20.65
CA LEU B 366 -21.26 -10.30 21.10
C LEU B 366 -22.13 -10.83 19.99
N GLU B 367 -23.05 -11.71 20.33
CA GLU B 367 -24.00 -12.22 19.35
C GLU B 367 -25.23 -11.33 19.27
N TYR B 368 -25.90 -11.35 18.12
CA TYR B 368 -27.05 -10.50 17.88
C TYR B 368 -28.09 -10.55 19.01
N CYS B 369 -28.45 -11.75 19.46
CA CYS B 369 -29.42 -11.94 20.53
C CYS B 369 -29.07 -11.17 21.81
N GLU B 370 -27.78 -11.20 22.18
CA GLU B 370 -27.26 -10.47 23.33
C GLU B 370 -27.41 -8.97 23.17
N ALA B 371 -27.28 -8.49 21.95
CA ALA B 371 -27.38 -7.07 21.66
C ALA B 371 -28.82 -6.61 21.80
N LEU B 372 -29.74 -7.42 21.24
CA LEU B 372 -31.18 -7.20 21.34
C LEU B 372 -31.62 -7.12 22.81
N ALA B 373 -31.26 -8.14 23.59
CA ALA B 373 -31.48 -8.12 25.03
C ALA B 373 -30.99 -6.83 25.70
N MET B 374 -29.78 -6.40 25.35
CA MET B 374 -29.19 -5.18 25.90
C MET B 374 -30.01 -3.96 25.54
N LEU B 375 -30.42 -3.86 24.27
CA LEU B 375 -31.21 -2.73 23.82
C LEU B 375 -32.61 -2.71 24.45
N ARG B 376 -33.19 -3.89 24.66
CA ARG B 376 -34.52 -4.00 25.27
C ARG B 376 -34.51 -3.59 26.73
N GLU B 377 -33.47 -3.98 27.47
CA GLU B 377 -33.27 -3.51 28.85
C GLU B 377 -33.18 -1.99 28.94
N ALA B 378 -32.61 -1.37 27.92
CA ALA B 378 -32.52 0.06 27.83
C ALA B 378 -33.84 0.69 27.37
N GLY B 379 -34.81 -0.14 27.01
CA GLY B 379 -36.14 0.36 26.67
C GLY B 379 -36.39 0.57 25.19
N VAL B 380 -35.48 0.09 24.35
CA VAL B 380 -35.65 0.16 22.91
C VAL B 380 -36.55 -1.00 22.45
N GLU B 381 -37.45 -0.72 21.51
CA GLU B 381 -38.33 -1.74 20.96
C GLU B 381 -37.81 -2.18 19.60
N MET B 382 -37.47 -3.47 19.47
CA MET B 382 -36.85 -3.98 18.25
C MET B 382 -37.28 -5.40 17.88
N GLY B 383 -37.58 -5.60 16.60
CA GLY B 383 -37.90 -6.93 16.09
C GLY B 383 -36.65 -7.79 15.95
N ASP B 384 -36.81 -9.09 16.25
CA ASP B 384 -35.71 -10.07 16.22
C ASP B 384 -34.90 -10.09 14.93
N GLU B 385 -35.56 -9.78 13.81
CA GLU B 385 -34.90 -9.81 12.51
C GLU B 385 -34.66 -8.41 11.95
N ASP B 386 -34.68 -7.43 12.82
CA ASP B 386 -34.49 -6.05 12.36
C ASP B 386 -33.02 -5.72 12.30
N ASP B 387 -32.66 -4.90 11.31
CA ASP B 387 -31.33 -4.34 11.20
C ASP B 387 -31.13 -3.30 12.30
N LEU B 388 -29.90 -3.19 12.80
CA LEU B 388 -29.54 -2.15 13.76
C LEU B 388 -29.52 -0.81 13.07
N SER B 389 -30.40 0.09 13.48
CA SER B 389 -30.35 1.49 13.06
C SER B 389 -29.10 2.17 13.62
N THR B 390 -28.69 3.26 12.97
CA THR B 390 -27.54 4.04 13.42
C THR B 390 -27.74 4.51 14.87
N PRO B 391 -28.89 5.14 15.19
CA PRO B 391 -29.10 5.52 16.57
C PRO B 391 -28.96 4.33 17.50
N ASN B 392 -29.49 3.17 17.09
CA ASN B 392 -29.33 1.95 17.90
C ASN B 392 -27.89 1.40 17.99
N GLU B 393 -27.11 1.50 16.91
CA GLU B 393 -25.67 1.16 16.99
C GLU B 393 -24.96 2.06 17.98
N LYS B 394 -25.22 3.34 17.90
CA LYS B 394 -24.58 4.27 18.76
C LYS B 394 -24.86 3.96 20.21
N LEU B 395 -26.10 3.66 20.55
CA LEU B 395 -26.45 3.27 21.89
C LEU B 395 -25.80 1.99 22.36
N LEU B 396 -25.80 1.01 21.48
CA LEU B 396 -25.21 -0.26 21.79
C LEU B 396 -23.73 -0.10 22.09
N GLY B 397 -23.09 0.74 21.31
CA GLY B 397 -21.70 1.04 21.49
C GLY B 397 -21.47 1.66 22.84
N HIS B 398 -22.34 2.56 23.22
CA HIS B 398 -22.20 3.13 24.52
C HIS B 398 -22.38 2.10 25.61
N LEU B 399 -23.33 1.20 25.43
CA LEU B 399 -23.57 0.18 26.40
C LEU B 399 -22.41 -0.76 26.57
N VAL B 400 -21.76 -1.16 25.48
CA VAL B 400 -20.59 -2.05 25.59
C VAL B 400 -19.41 -1.31 26.20
N LYS B 401 -19.26 -0.03 25.90
CA LYS B 401 -18.25 0.80 26.55
C LYS B 401 -18.41 0.79 28.08
N GLU B 402 -19.61 1.10 28.57
CA GLU B 402 -19.90 1.11 30.01
C GLU B 402 -19.66 -0.24 30.68
N LYS B 403 -20.16 -1.31 30.06
CA LYS B 403 -20.09 -2.64 30.65
C LYS B 403 -18.73 -3.34 30.49
N TYR B 404 -18.13 -3.23 29.31
CA TYR B 404 -16.90 -3.97 28.99
C TYR B 404 -15.66 -3.09 28.87
N ASP B 405 -15.87 -1.77 28.91
CA ASP B 405 -14.75 -0.84 28.86
C ASP B 405 -13.98 -0.92 27.53
N THR B 406 -14.69 -1.07 26.41
CA THR B 406 -14.04 -1.10 25.10
C THR B 406 -14.71 -0.19 24.10
N ASP B 407 -13.90 0.44 23.26
CA ASP B 407 -14.46 1.22 22.16
C ASP B 407 -14.56 0.40 20.86
N PHE B 408 -13.99 -0.80 20.89
CA PHE B 408 -13.96 -1.70 19.73
C PHE B 408 -14.61 -3.03 20.08
N TYR B 409 -15.58 -3.45 19.28
CA TYR B 409 -16.17 -4.78 19.48
C TYR B 409 -16.77 -5.35 18.21
N ILE B 410 -17.05 -6.66 18.27
CA ILE B 410 -17.73 -7.38 17.18
C ILE B 410 -19.17 -7.73 17.56
N LEU B 411 -20.09 -7.54 16.64
CA LEU B 411 -21.42 -8.07 16.71
C LEU B 411 -21.56 -9.16 15.65
N ASP B 412 -21.90 -10.36 16.07
CA ASP B 412 -21.95 -11.53 15.26
C ASP B 412 -23.40 -11.98 15.06
N LYS B 413 -23.65 -12.72 14.00
CA LYS B 413 -24.94 -13.28 13.63
C LYS B 413 -26.12 -12.40 13.36
N TYR B 414 -25.97 -11.52 12.40
CA TYR B 414 -27.04 -10.71 11.94
C TYR B 414 -28.05 -11.57 11.27
N PRO B 415 -29.26 -11.10 11.19
CA PRO B 415 -30.33 -11.80 10.50
C PRO B 415 -30.00 -11.93 9.02
N LEU B 416 -30.33 -13.07 8.44
CA LEU B 416 -29.99 -13.32 7.09
C LEU B 416 -30.64 -12.34 6.16
N ALA B 417 -31.85 -11.93 6.48
CA ALA B 417 -32.67 -11.04 5.67
C ALA B 417 -32.17 -9.62 5.44
N VAL B 418 -31.31 -9.12 6.30
CA VAL B 418 -30.72 -7.80 6.17
C VAL B 418 -29.31 -7.82 5.59
N ARG B 419 -28.87 -8.96 5.18
CA ARG B 419 -27.56 -9.10 4.61
C ARG B 419 -27.62 -9.39 3.13
N PRO B 420 -26.51 -9.14 2.47
CA PRO B 420 -26.35 -9.36 1.05
C PRO B 420 -26.48 -10.81 0.58
N PHE B 421 -26.88 -10.98 -0.66
CA PHE B 421 -27.21 -12.30 -1.19
C PHE B 421 -26.08 -13.32 -1.07
N TYR B 422 -24.83 -12.86 -1.10
CA TYR B 422 -23.69 -13.78 -0.99
C TYR B 422 -23.40 -14.23 0.44
N THR B 423 -24.19 -13.76 1.40
CA THR B 423 -23.99 -14.14 2.81
C THR B 423 -24.48 -15.54 3.13
N MET B 424 -23.58 -16.35 3.71
CA MET B 424 -23.89 -17.71 4.08
C MET B 424 -24.86 -17.76 5.28
N PRO B 425 -25.97 -18.53 5.16
CA PRO B 425 -26.89 -18.70 6.29
C PRO B 425 -26.25 -19.49 7.44
N ASP B 426 -26.70 -19.23 8.67
CA ASP B 426 -26.28 -19.98 9.88
C ASP B 426 -26.82 -21.40 9.74
N PRO B 427 -25.96 -22.43 9.86
CA PRO B 427 -26.43 -23.80 9.64
C PRO B 427 -27.32 -24.33 10.76
N ARG B 428 -27.37 -23.59 11.85
CA ARG B 428 -28.02 -23.96 13.06
C ARG B 428 -29.25 -23.14 13.33
N ASN B 429 -29.20 -21.86 13.04
CA ASN B 429 -30.33 -20.96 13.14
C ASN B 429 -30.51 -20.27 11.81
N PRO B 430 -31.40 -20.78 11.00
CA PRO B 430 -31.56 -20.31 9.63
C PRO B 430 -32.15 -18.94 9.44
N LYS B 431 -32.49 -18.25 10.52
CA LYS B 431 -32.95 -16.90 10.38
C LYS B 431 -31.75 -16.00 10.49
N GLN B 432 -30.67 -16.54 11.01
CA GLN B 432 -29.45 -15.80 11.18
C GLN B 432 -28.43 -16.16 10.13
N SER B 433 -27.30 -15.49 10.13
CA SER B 433 -26.30 -15.67 9.11
C SER B 433 -24.91 -15.60 9.73
N ASN B 434 -23.94 -16.10 8.97
CA ASN B 434 -22.55 -16.10 9.36
C ASN B 434 -21.92 -14.74 9.00
N SER B 435 -22.42 -13.69 9.65
CA SER B 435 -22.07 -12.32 9.31
C SER B 435 -21.76 -11.51 10.56
N TYR B 436 -21.00 -10.42 10.37
CA TYR B 436 -20.48 -9.65 11.49
C TYR B 436 -20.28 -8.18 11.11
N ASP B 437 -20.49 -7.30 12.08
CA ASP B 437 -20.06 -5.93 11.97
C ASP B 437 -19.08 -5.66 13.10
N MET B 438 -18.13 -4.77 12.83
CA MET B 438 -17.23 -4.23 13.84
C MET B 438 -17.46 -2.73 14.03
N PHE B 439 -17.20 -2.24 15.25
CA PHE B 439 -17.52 -0.86 15.63
C PHE B 439 -16.39 -0.13 16.34
N MET B 440 -16.22 1.15 16.05
CA MET B 440 -15.26 1.94 16.81
C MET B 440 -16.05 3.10 17.34
N ARG B 441 -16.05 3.27 18.65
CA ARG B 441 -16.84 4.35 19.30
C ARG B 441 -18.30 4.37 18.87
N GLY B 442 -18.91 3.19 18.75
CA GLY B 442 -20.34 3.09 18.48
C GLY B 442 -20.75 3.29 17.04
N GLU B 443 -19.77 3.31 16.14
CA GLU B 443 -20.00 3.48 14.72
C GLU B 443 -19.33 2.35 13.91
N GLU B 444 -20.06 1.89 12.90
CA GLU B 444 -19.69 0.74 12.10
C GLU B 444 -18.50 1.05 11.21
N ILE B 445 -17.47 0.23 11.31
CA ILE B 445 -16.30 0.37 10.44
C ILE B 445 -16.12 -0.81 9.48
N LEU B 446 -16.76 -1.94 9.80
CA LEU B 446 -16.62 -3.16 9.00
C LEU B 446 -17.88 -3.99 9.01
N SER B 447 -18.22 -4.53 7.84
CA SER B 447 -19.39 -5.37 7.64
C SER B 447 -19.00 -6.57 6.77
N GLY B 448 -18.82 -7.72 7.41
CA GLY B 448 -18.38 -8.92 6.72
C GLY B 448 -19.19 -10.18 6.96
N ALA B 449 -18.85 -11.24 6.23
CA ALA B 449 -19.52 -12.54 6.40
C ALA B 449 -18.67 -13.65 5.84
N GLN B 450 -19.00 -14.90 6.19
CA GLN B 450 -18.61 -16.04 5.36
C GLN B 450 -19.39 -15.84 4.07
N ARG B 451 -18.75 -16.10 2.94
CA ARG B 451 -19.45 -15.96 1.67
C ARG B 451 -19.94 -17.34 1.28
N ILE B 452 -20.77 -17.40 0.26
CA ILE B 452 -21.25 -18.67 -0.27
C ILE B 452 -20.30 -19.10 -1.39
N HIS B 453 -19.54 -20.17 -1.17
CA HIS B 453 -18.62 -20.70 -2.17
C HIS B 453 -19.20 -21.86 -3.01
N ASP B 454 -20.52 -22.01 -2.98
CA ASP B 454 -21.21 -23.07 -3.71
C ASP B 454 -22.14 -22.48 -4.76
N PRO B 455 -21.91 -22.82 -6.05
CA PRO B 455 -22.73 -22.27 -7.14
C PRO B 455 -24.24 -22.38 -6.95
N GLN B 456 -24.74 -23.53 -6.52
CA GLN B 456 -26.19 -23.78 -6.39
C GLN B 456 -26.84 -22.90 -5.33
N LEU B 457 -26.27 -22.89 -4.15
CA LEU B 457 -26.76 -22.07 -3.06
C LEU B 457 -26.64 -20.59 -3.36
N LEU B 458 -25.61 -20.21 -4.06
CA LEU B 458 -25.40 -18.83 -4.40
C LEU B 458 -26.49 -18.36 -5.33
N THR B 459 -26.85 -19.21 -6.25
CA THR B 459 -27.88 -18.94 -7.21
C THR B 459 -29.24 -18.81 -6.54
N GLU B 460 -29.58 -19.71 -5.65
N GLU B 460 -29.51 -19.64 -5.72
CA GLU B 460 -30.83 -19.70 -4.91
CA GLU B 460 -30.76 -19.68 -5.04
C GLU B 460 -31.09 -18.38 -4.21
C GLU B 460 -31.08 -18.40 -4.22
N ARG B 461 -30.10 -18.00 -3.46
CA ARG B 461 -29.93 -16.82 -2.63
C ARG B 461 -29.99 -15.59 -3.46
N ALA B 462 -29.41 -15.66 -4.63
CA ALA B 462 -29.50 -14.59 -5.57
C ALA B 462 -30.91 -14.42 -6.06
N LEU B 463 -31.60 -15.52 -6.29
CA LEU B 463 -32.98 -15.52 -6.68
C LEU B 463 -33.82 -14.91 -5.63
N HIS B 464 -33.52 -15.25 -4.40
CA HIS B 464 -34.26 -14.80 -3.26
C HIS B 464 -34.21 -13.31 -3.18
N HIS B 465 -33.08 -12.74 -3.54
CA HIS B 465 -32.87 -11.34 -3.53
C HIS B 465 -33.35 -10.65 -4.78
N GLY B 466 -33.85 -11.42 -5.71
CA GLY B 466 -34.40 -10.89 -6.96
C GLY B 466 -33.35 -10.36 -7.94
N ILE B 467 -32.20 -11.01 -7.98
CA ILE B 467 -31.11 -10.64 -8.88
C ILE B 467 -31.19 -11.42 -10.19
N ASP B 468 -30.95 -10.74 -11.31
CA ASP B 468 -30.88 -11.38 -12.61
C ASP B 468 -29.62 -12.23 -12.63
N LEU B 469 -29.80 -13.55 -12.74
CA LEU B 469 -28.69 -14.50 -12.73
C LEU B 469 -27.80 -14.31 -13.94
N GLU B 470 -28.38 -13.76 -15.01
CA GLU B 470 -27.65 -13.49 -16.24
C GLU B 470 -26.53 -12.47 -16.06
N LYS B 471 -26.81 -11.42 -15.29
CA LYS B 471 -25.82 -10.36 -15.09
C LYS B 471 -24.81 -10.61 -13.98
N ILE B 472 -25.02 -11.65 -13.17
CA ILE B 472 -23.98 -12.11 -12.22
C ILE B 472 -23.42 -13.49 -12.62
N LYS B 473 -23.73 -13.91 -13.85
CA LYS B 473 -23.31 -15.21 -14.39
C LYS B 473 -21.83 -15.53 -14.21
N ALA B 474 -20.96 -14.59 -14.58
CA ALA B 474 -19.53 -14.81 -14.55
C ALA B 474 -19.03 -14.93 -13.10
N TYR B 475 -19.65 -14.17 -12.20
CA TYR B 475 -19.37 -14.25 -10.76
C TYR B 475 -19.67 -15.63 -10.18
N ILE B 476 -20.88 -16.14 -10.46
CA ILE B 476 -21.28 -17.46 -10.01
C ILE B 476 -20.35 -18.51 -10.61
N ASP B 477 -20.11 -18.39 -11.93
CA ASP B 477 -19.24 -19.30 -12.68
C ASP B 477 -17.84 -19.45 -12.11
N SER B 478 -17.37 -18.44 -11.39
CA SER B 478 -16.05 -18.54 -10.79
C SER B 478 -15.98 -19.55 -9.63
N PHE B 479 -17.14 -19.93 -9.09
CA PHE B 479 -17.19 -20.93 -7.99
C PHE B 479 -17.41 -22.38 -8.48
N ARG B 480 -17.52 -22.57 -9.77
CA ARG B 480 -17.85 -23.85 -10.36
C ARG B 480 -16.73 -24.86 -10.51
N PHE B 481 -15.52 -24.44 -10.25
CA PHE B 481 -14.37 -25.25 -10.46
C PHE B 481 -13.59 -25.51 -9.21
N GLY B 482 -14.29 -25.56 -8.11
CA GLY B 482 -13.73 -25.71 -6.82
C GLY B 482 -13.45 -24.35 -6.23
N ALA B 483 -13.95 -24.11 -5.04
CA ALA B 483 -13.64 -22.93 -4.27
C ALA B 483 -13.62 -23.30 -2.82
N PRO B 484 -12.76 -22.72 -2.03
CA PRO B 484 -12.78 -22.97 -0.61
C PRO B 484 -13.76 -22.08 0.11
N PRO B 485 -14.19 -22.51 1.27
CA PRO B 485 -15.01 -21.65 2.09
C PRO B 485 -14.17 -20.42 2.48
N HIS B 486 -14.75 -19.25 2.39
CA HIS B 486 -14.00 -18.02 2.69
C HIS B 486 -14.86 -16.89 3.27
N ALA B 487 -14.20 -15.96 3.95
CA ALA B 487 -14.84 -14.81 4.58
C ALA B 487 -13.94 -13.58 4.40
N GLY B 488 -14.50 -12.39 4.67
CA GLY B 488 -13.71 -11.15 4.60
C GLY B 488 -14.51 -9.96 5.09
N GLY B 489 -14.05 -8.77 4.75
CA GLY B 489 -14.68 -7.53 5.20
C GLY B 489 -13.68 -6.40 5.05
N GLY B 490 -14.16 -5.17 4.87
CA GLY B 490 -13.27 -4.01 4.73
C GLY B 490 -13.58 -2.83 5.63
N ILE B 491 -12.59 -1.96 5.80
CA ILE B 491 -12.67 -0.68 6.47
C ILE B 491 -12.44 0.53 5.55
N GLY B 492 -12.94 1.68 5.98
CA GLY B 492 -12.70 2.94 5.33
C GLY B 492 -11.58 3.61 6.08
N LEU B 493 -10.54 4.01 5.38
CA LEU B 493 -9.39 4.61 6.02
C LEU B 493 -9.67 5.94 6.76
N GLU B 494 -10.37 6.84 6.10
CA GLU B 494 -10.72 8.10 6.66
C GLU B 494 -11.59 7.91 7.87
N ARG B 495 -12.54 7.01 7.76
CA ARG B 495 -13.48 6.73 8.79
C ARG B 495 -12.85 6.15 10.02
N VAL B 496 -11.94 5.22 9.86
CA VAL B 496 -11.19 4.65 10.98
C VAL B 496 -10.26 5.67 11.63
N THR B 497 -9.62 6.53 10.83
CA THR B 497 -8.78 7.59 11.37
C THR B 497 -9.62 8.51 12.25
N MET B 498 -10.79 8.89 11.72
CA MET B 498 -11.69 9.85 12.35
C MET B 498 -12.26 9.35 13.67
N LEU B 499 -12.55 8.05 13.72
CA LEU B 499 -13.16 7.45 14.89
C LEU B 499 -12.13 7.16 15.95
N PHE B 500 -10.90 6.85 15.55
CA PHE B 500 -9.80 6.63 16.50
C PHE B 500 -9.49 7.93 17.26
N LEU B 501 -9.58 9.06 16.56
CA LEU B 501 -9.17 10.35 17.10
C LEU B 501 -10.36 11.11 17.70
N GLY B 502 -11.53 10.50 17.62
CA GLY B 502 -12.78 11.05 18.07
C GLY B 502 -13.21 12.28 17.34
N LEU B 503 -12.83 12.38 16.08
CA LEU B 503 -13.14 13.53 15.28
C LEU B 503 -14.57 13.64 14.83
N HIS B 504 -14.96 14.86 14.52
N HIS B 504 -14.99 14.86 14.38
CA HIS B 504 -16.31 15.18 14.11
CA HIS B 504 -16.40 15.19 14.12
C HIS B 504 -16.88 14.69 12.78
C HIS B 504 -16.93 14.70 12.77
N ASN B 505 -16.11 14.83 11.73
CA ASN B 505 -16.44 14.29 10.45
C ASN B 505 -15.27 13.86 9.62
N VAL B 506 -15.57 13.11 8.59
CA VAL B 506 -14.61 12.47 7.73
C VAL B 506 -13.75 13.46 6.93
N ARG B 507 -14.23 14.68 6.72
CA ARG B 507 -13.49 15.72 6.03
C ARG B 507 -12.19 16.05 6.72
N GLN B 508 -12.19 15.98 8.03
CA GLN B 508 -11.03 16.20 8.82
C GLN B 508 -9.95 15.16 8.60
N THR B 509 -10.33 13.97 8.19
CA THR B 509 -9.38 12.93 7.91
C THR B 509 -9.20 12.61 6.44
N SER B 510 -9.68 13.47 5.56
CA SER B 510 -9.44 13.26 4.14
C SER B 510 -8.50 14.33 3.64
N MET B 511 -7.40 13.94 3.06
CA MET B 511 -6.35 14.85 2.65
C MET B 511 -6.76 15.84 1.57
N PHE B 512 -7.54 15.37 0.62
CA PHE B 512 -8.06 16.16 -0.48
C PHE B 512 -9.53 15.98 -0.69
N PRO B 513 -10.33 16.54 0.18
CA PRO B 513 -11.78 16.40 0.10
C PRO B 513 -12.52 17.13 -1.01
N ARG B 514 -13.58 16.53 -1.52
CA ARG B 514 -14.47 17.27 -2.42
C ARG B 514 -15.95 16.95 -2.23
N ASP B 515 -16.17 18.14 -1.49
CA ASP B 515 -17.63 18.22 -1.20
C ASP B 515 -18.52 17.48 -2.21
#